data_5UMW
#
_entry.id   5UMW
#
_cell.length_a   74.298
_cell.length_b   74.298
_cell.length_c   342.783
_cell.angle_alpha   90.00
_cell.angle_beta   90.00
_cell.angle_gamma   120.00
#
_symmetry.space_group_name_H-M   'P 32 2 1'
#
loop_
_entity.id
_entity.type
_entity.pdbx_description
1 polymer 'Glyoxalase/bleomycin resisance protein/dioxygenase'
2 non-polymer RIBOFLAVIN
3 water water
#
_entity_poly.entity_id   1
_entity_poly.type   'polypeptide(L)'
_entity_poly.pdbx_seq_one_letter_code
;HHHHHHSSGLVPRGSH(MSE)SARLSHVTVPVLDQDSAKEFYTEKLGFEVRND(MSE)T(MSE)GGLRWLTVGPKDQPDV
E(MSE)VLRRVGAPEYDEETAEQLRDLVAKGVIGVGVLHVDDTRATYERYRAAGVIFIQEPVKRPYGTEAVFRDDSGNWF
SLTDARG
;
_entity_poly.pdbx_strand_id   A,B,C,D,E,F
#
# COMPACT_ATOMS: atom_id res chain seq x y z
N SER A 18 1.76 10.67 11.87
CA SER A 18 0.95 9.90 10.85
C SER A 18 1.88 9.05 9.94
N ALA A 19 1.71 9.07 8.61
CA ALA A 19 2.21 7.95 7.84
C ALA A 19 3.73 7.71 7.91
N ARG A 20 4.12 6.46 7.91
CA ARG A 20 5.51 6.12 7.65
C ARG A 20 5.66 4.78 6.95
N LEU A 21 6.74 4.66 6.19
CA LEU A 21 7.06 3.45 5.50
C LEU A 21 7.79 2.53 6.47
N SER A 22 7.12 1.47 6.90
CA SER A 22 7.68 0.53 7.84
C SER A 22 8.34 -0.68 7.17
N HIS A 23 7.87 -1.12 6.00
CA HIS A 23 8.43 -2.32 5.33
C HIS A 23 8.75 -1.97 3.88
N VAL A 24 9.86 -2.49 3.42
CA VAL A 24 10.23 -2.43 2.06
C VAL A 24 10.33 -3.87 1.52
N THR A 25 9.65 -4.10 0.39
CA THR A 25 9.62 -5.39 -0.28
C THR A 25 10.85 -5.62 -1.09
N VAL A 26 11.53 -6.74 -0.85
CA VAL A 26 12.69 -7.15 -1.60
C VAL A 26 12.34 -8.51 -2.28
N PRO A 27 12.13 -8.50 -3.62
CA PRO A 27 11.86 -9.74 -4.37
C PRO A 27 13.06 -10.67 -4.39
N VAL A 28 12.97 -11.79 -3.71
CA VAL A 28 14.09 -12.76 -3.67
C VAL A 28 13.78 -14.07 -4.43
N LEU A 29 14.85 -14.72 -4.91
CA LEU A 29 14.74 -15.96 -5.69
C LEU A 29 14.53 -17.14 -4.76
N ASP A 30 15.25 -17.11 -3.66
CA ASP A 30 15.14 -18.12 -2.63
C ASP A 30 15.40 -17.45 -1.30
N GLN A 31 14.47 -17.72 -0.37
CA GLN A 31 14.42 -17.03 0.91
C GLN A 31 15.54 -17.45 1.84
N ASP A 32 15.78 -18.76 1.97
CA ASP A 32 16.88 -19.27 2.82
C ASP A 32 18.23 -18.64 2.39
N SER A 33 18.48 -18.63 1.10
CA SER A 33 19.67 -18.00 0.56
C SER A 33 19.68 -16.49 0.88
N ALA A 34 18.54 -15.81 0.77
CA ALA A 34 18.51 -14.36 1.03
C ALA A 34 18.75 -14.05 2.48
N LYS A 35 18.20 -14.88 3.36
CA LYS A 35 18.42 -14.72 4.79
C LYS A 35 19.87 -14.81 5.21
N GLU A 36 20.63 -15.71 4.56
CA GLU A 36 22.07 -15.82 4.82
C GLU A 36 22.83 -14.59 4.35
N PHE A 37 22.54 -14.14 3.14
CA PHE A 37 23.20 -12.97 2.64
C PHE A 37 22.99 -11.76 3.54
N TYR A 38 21.74 -11.48 3.92
CA TYR A 38 21.42 -10.23 4.59
C TYR A 38 21.92 -10.27 6.00
N THR A 39 21.84 -11.43 6.67
CA THR A 39 22.36 -11.55 8.04
C THR A 39 23.86 -11.80 8.13
N GLU A 40 24.40 -12.70 7.29
CA GLU A 40 25.84 -13.06 7.38
C GLU A 40 26.76 -12.04 6.75
N LYS A 41 26.45 -11.61 5.53
CA LYS A 41 27.28 -10.64 4.85
C LYS A 41 27.04 -9.23 5.31
N LEU A 42 25.81 -8.76 5.22
CA LEU A 42 25.53 -7.40 5.63
C LEU A 42 25.42 -7.21 7.12
N GLY A 43 25.35 -8.26 7.93
CA GLY A 43 25.13 -8.09 9.38
C GLY A 43 23.75 -7.56 9.79
N PHE A 44 22.71 -7.72 8.96
CA PHE A 44 21.35 -7.28 9.37
C PHE A 44 20.86 -8.27 10.40
N GLU A 45 19.93 -7.85 11.23
CA GLU A 45 19.27 -8.75 12.17
C GLU A 45 17.89 -9.25 11.63
N VAL A 46 17.53 -10.45 12.03
CA VAL A 46 16.28 -11.08 11.62
C VAL A 46 15.21 -10.49 12.52
N ARG A 47 14.27 -9.77 11.99
CA ARG A 47 13.23 -9.16 12.81
C ARG A 47 11.97 -10.10 12.90
N ASN A 48 11.79 -10.99 11.92
CA ASN A 48 10.65 -11.94 11.84
C ASN A 48 11.03 -13.10 10.97
N ASP A 49 10.68 -14.30 11.41
CA ASP A 49 10.71 -15.47 10.53
C ASP A 49 9.68 -16.47 11.01
N THR A 51 5.99 -18.90 9.40
CA THR A 51 5.03 -19.35 8.42
C THR A 51 3.60 -19.29 8.96
N GLY A 53 -0.23 -20.42 6.63
CA GLY A 53 -0.51 -20.99 5.32
C GLY A 53 0.71 -21.83 5.00
N GLY A 54 1.04 -21.95 3.71
CA GLY A 54 2.39 -22.39 3.29
C GLY A 54 3.34 -21.23 2.97
N LEU A 55 3.03 -20.01 3.43
CA LEU A 55 3.73 -18.77 3.05
C LEU A 55 4.67 -18.21 4.15
N ARG A 56 5.94 -18.02 3.81
CA ARG A 56 6.92 -17.52 4.77
C ARG A 56 7.07 -15.95 4.84
N TRP A 57 6.72 -15.39 5.98
CA TRP A 57 6.94 -14.00 6.29
C TRP A 57 8.32 -13.88 6.95
N LEU A 58 9.28 -13.34 6.19
CA LEU A 58 10.66 -13.22 6.60
C LEU A 58 11.14 -11.77 6.44
N THR A 59 11.53 -11.14 7.56
CA THR A 59 12.00 -9.77 7.54
C THR A 59 13.28 -9.62 8.31
N VAL A 60 14.07 -8.67 7.81
CA VAL A 60 15.42 -8.36 8.25
C VAL A 60 15.60 -6.85 8.25
N GLY A 61 16.58 -6.39 9.01
CA GLY A 61 16.92 -5.00 9.07
C GLY A 61 18.27 -4.66 9.67
N PRO A 62 18.79 -3.46 9.34
CA PRO A 62 19.98 -2.91 10.00
C PRO A 62 19.81 -2.80 11.51
N LYS A 63 20.88 -3.13 12.25
CA LYS A 63 20.93 -3.13 13.76
C LYS A 63 20.42 -1.84 14.36
N ASP A 64 20.90 -0.76 13.82
CA ASP A 64 20.61 0.55 14.36
C ASP A 64 19.32 1.13 13.82
N GLN A 65 18.43 0.32 13.22
CA GLN A 65 17.26 0.89 12.58
C GLN A 65 16.07 0.00 12.86
N PRO A 66 15.65 -0.03 14.12
CA PRO A 66 14.56 -0.92 14.48
C PRO A 66 13.22 -0.58 13.82
N ASP A 67 12.99 0.65 13.32
CA ASP A 67 11.70 1.07 12.68
C ASP A 67 11.44 0.65 11.18
N VAL A 68 12.41 0.07 10.47
CA VAL A 68 12.18 -0.37 9.07
C VAL A 68 12.64 -1.77 8.94
N GLU A 69 11.80 -2.60 8.35
CA GLU A 69 12.09 -4.00 8.07
C GLU A 69 12.18 -4.16 6.56
N VAL A 71 11.28 -6.94 3.85
CA VAL A 71 10.51 -8.18 3.67
C VAL A 71 11.15 -8.96 2.53
N LEU A 72 11.70 -10.12 2.83
CA LEU A 72 12.28 -10.95 1.81
C LEU A 72 11.17 -11.81 1.24
N ARG A 73 10.58 -11.38 0.14
CA ARG A 73 9.42 -12.03 -0.43
C ARG A 73 9.79 -12.95 -1.58
N ARG A 74 9.42 -14.22 -1.45
CA ARG A 74 9.60 -15.20 -2.55
C ARG A 74 8.76 -14.79 -3.76
N VAL A 75 9.41 -14.68 -4.90
CA VAL A 75 8.75 -14.53 -6.21
C VAL A 75 8.31 -15.95 -6.63
N GLY A 76 7.02 -16.21 -6.56
CA GLY A 76 6.54 -17.57 -6.75
C GLY A 76 5.07 -17.65 -6.49
N ALA A 77 4.55 -18.85 -6.69
CA ALA A 77 3.13 -19.10 -6.71
C ALA A 77 2.52 -18.87 -5.32
N PRO A 78 1.18 -18.70 -5.23
CA PRO A 78 0.49 -17.75 -4.38
C PRO A 78 1.15 -16.39 -4.22
N GLU A 79 0.44 -15.35 -4.67
CA GLU A 79 0.87 -13.93 -4.69
C GLU A 79 1.31 -13.54 -6.11
N TYR A 80 2.04 -14.42 -6.79
CA TYR A 80 2.36 -14.20 -8.19
C TYR A 80 1.85 -15.37 -9.02
N ASP A 81 1.21 -15.08 -10.15
CA ASP A 81 0.90 -16.10 -11.14
C ASP A 81 2.24 -16.51 -11.78
N GLU A 82 2.31 -17.70 -12.38
CA GLU A 82 3.55 -18.30 -12.88
C GLU A 82 4.15 -17.62 -14.14
N GLU A 83 3.32 -16.98 -14.97
CA GLU A 83 3.85 -16.16 -16.08
C GLU A 83 4.62 -14.95 -15.52
N THR A 84 3.92 -14.15 -14.67
CA THR A 84 4.45 -12.94 -14.04
C THR A 84 5.66 -13.34 -13.22
N ALA A 85 5.48 -14.33 -12.35
CA ALA A 85 6.58 -14.84 -11.56
C ALA A 85 7.84 -15.11 -12.41
N GLU A 86 7.69 -15.77 -13.56
CA GLU A 86 8.85 -16.11 -14.42
C GLU A 86 9.48 -14.84 -14.98
N GLN A 87 8.66 -13.91 -15.44
CA GLN A 87 9.19 -12.65 -15.97
C GLN A 87 9.97 -11.82 -14.93
N LEU A 88 9.53 -11.86 -13.67
CA LEU A 88 10.17 -11.07 -12.64
C LEU A 88 11.41 -11.78 -12.17
N ARG A 89 11.42 -13.11 -12.16
CA ARG A 89 12.64 -13.86 -11.78
C ARG A 89 13.77 -13.59 -12.73
N ASP A 90 13.43 -13.41 -14.02
CA ASP A 90 14.42 -13.12 -15.05
C ASP A 90 14.99 -11.71 -14.81
N LEU A 91 14.11 -10.71 -14.68
CA LEU A 91 14.54 -9.34 -14.34
C LEU A 91 15.35 -9.31 -13.05
N VAL A 92 14.89 -10.02 -12.01
CA VAL A 92 15.62 -9.96 -10.76
C VAL A 92 17.01 -10.49 -11.00
N ALA A 93 17.12 -11.66 -11.63
CA ALA A 93 18.44 -12.33 -11.86
C ALA A 93 19.42 -11.50 -12.68
N LYS A 94 18.89 -10.72 -13.60
CA LYS A 94 19.68 -9.77 -14.37
C LYS A 94 20.06 -8.42 -13.69
N GLY A 95 19.86 -8.24 -12.37
CA GLY A 95 20.23 -6.94 -11.71
C GLY A 95 19.42 -5.72 -12.14
N VAL A 96 18.18 -5.93 -12.51
CA VAL A 96 17.32 -4.82 -12.96
C VAL A 96 16.66 -4.06 -11.80
N ILE A 97 16.38 -4.75 -10.69
CA ILE A 97 15.63 -4.22 -9.54
C ILE A 97 16.60 -3.62 -8.53
N GLY A 98 16.54 -2.29 -8.43
CA GLY A 98 17.31 -1.53 -7.41
C GLY A 98 16.44 -1.41 -6.19
N VAL A 99 16.89 -1.96 -5.08
CA VAL A 99 16.10 -1.93 -3.84
C VAL A 99 16.06 -0.55 -3.19
N GLY A 100 17.25 0.00 -2.98
CA GLY A 100 17.37 1.34 -2.36
C GLY A 100 18.80 1.77 -2.11
N VAL A 101 18.99 2.61 -1.10
CA VAL A 101 20.26 3.23 -0.80
C VAL A 101 20.57 3.03 0.68
N LEU A 102 21.69 2.42 0.97
CA LEU A 102 22.26 2.33 2.29
C LEU A 102 23.24 3.52 2.53
N HIS A 103 23.05 4.22 3.64
CA HIS A 103 23.92 5.33 4.02
C HIS A 103 24.86 4.88 5.11
N VAL A 104 26.15 5.13 4.90
CA VAL A 104 27.22 4.84 5.88
C VAL A 104 28.10 6.08 6.12
N ASP A 105 28.95 6.01 7.14
CA ASP A 105 29.86 7.12 7.40
C ASP A 105 30.94 7.20 6.32
N ASP A 106 31.50 6.04 5.97
CA ASP A 106 32.57 5.93 4.94
C ASP A 106 32.36 4.77 3.90
N THR A 107 31.94 5.14 2.67
CA THR A 107 31.69 4.18 1.57
C THR A 107 32.88 3.27 1.35
N ARG A 108 34.07 3.86 1.25
CA ARG A 108 35.33 3.09 1.01
C ARG A 108 35.67 2.07 2.10
N ALA A 109 35.43 2.38 3.37
CA ALA A 109 35.68 1.40 4.45
C ALA A 109 34.61 0.34 4.49
N THR A 110 33.35 0.73 4.25
CA THR A 110 32.24 -0.24 4.24
C THR A 110 32.38 -1.20 3.05
N TYR A 111 32.67 -0.65 1.87
CA TYR A 111 33.01 -1.43 0.67
C TYR A 111 34.02 -2.51 0.94
N GLU A 112 35.04 -2.16 1.74
CA GLU A 112 36.11 -3.09 2.14
C GLU A 112 35.62 -4.18 3.08
N ARG A 113 35.01 -3.78 4.20
CA ARG A 113 34.37 -4.71 5.17
C ARG A 113 33.36 -5.66 4.48
N TYR A 114 32.61 -5.14 3.49
CA TYR A 114 31.59 -5.94 2.76
C TYR A 114 32.23 -6.88 1.79
N ARG A 115 33.26 -6.41 1.06
CA ARG A 115 34.09 -7.28 0.19
C ARG A 115 34.72 -8.47 0.95
N ALA A 116 35.07 -8.27 2.23
CA ALA A 116 35.68 -9.31 3.09
C ALA A 116 34.80 -10.53 3.33
N ALA A 117 33.52 -10.31 3.68
CA ALA A 117 32.48 -11.33 3.48
C ALA A 117 32.19 -11.31 1.97
N GLY A 118 31.55 -12.31 1.41
CA GLY A 118 31.51 -12.37 -0.06
C GLY A 118 30.65 -11.39 -0.86
N VAL A 119 30.57 -10.11 -0.48
CA VAL A 119 29.68 -9.18 -1.20
C VAL A 119 30.26 -8.74 -2.56
N ILE A 120 29.52 -9.00 -3.64
CA ILE A 120 29.97 -8.68 -5.00
C ILE A 120 29.56 -7.25 -5.37
N PHE A 121 30.53 -6.36 -5.53
CA PHE A 121 30.21 -5.02 -6.00
C PHE A 121 30.24 -5.05 -7.47
N ILE A 122 29.32 -4.32 -8.08
CA ILE A 122 29.28 -4.08 -9.50
C ILE A 122 29.66 -2.64 -9.89
N GLN A 123 29.72 -1.73 -8.90
CA GLN A 123 30.37 -0.43 -9.08
C GLN A 123 31.21 -0.18 -7.85
N GLU A 124 32.51 0.07 -8.05
CA GLU A 124 33.41 0.42 -6.95
C GLU A 124 33.11 1.86 -6.45
N PRO A 125 33.64 2.27 -5.26
CA PRO A 125 33.47 3.64 -4.76
C PRO A 125 33.76 4.72 -5.80
N VAL A 126 32.86 5.67 -5.98
CA VAL A 126 32.98 6.75 -6.97
C VAL A 126 32.42 8.11 -6.47
N LYS A 127 33.31 9.11 -6.42
CA LYS A 127 32.98 10.49 -6.04
C LYS A 127 31.88 11.03 -6.92
N ARG A 128 30.84 11.58 -6.33
CA ARG A 128 29.71 12.13 -7.08
C ARG A 128 29.36 13.48 -6.48
N PRO A 129 28.55 14.29 -7.16
CA PRO A 129 28.31 15.64 -6.61
C PRO A 129 27.83 15.71 -5.13
N TYR A 130 27.18 14.64 -4.67
CA TYR A 130 26.50 14.60 -3.39
C TYR A 130 27.25 13.81 -2.32
N GLY A 131 28.16 12.94 -2.73
CA GLY A 131 28.79 12.03 -1.79
C GLY A 131 29.55 11.04 -2.60
N THR A 132 30.04 9.99 -1.96
CA THR A 132 30.72 8.92 -2.63
C THR A 132 29.79 7.70 -2.70
N GLU A 133 29.69 7.07 -3.87
CA GLU A 133 28.66 6.04 -4.13
C GLU A 133 29.29 4.76 -4.60
N ALA A 134 28.90 3.63 -4.01
CA ALA A 134 29.23 2.30 -4.57
C ALA A 134 27.91 1.58 -4.82
N VAL A 135 27.96 0.45 -5.52
CA VAL A 135 26.74 -0.28 -5.92
C VAL A 135 27.04 -1.76 -5.76
N PHE A 136 26.27 -2.46 -4.91
CA PHE A 136 26.46 -3.93 -4.73
C PHE A 136 25.18 -4.67 -5.10
N ARG A 137 25.29 -6.00 -5.12
CA ARG A 137 24.15 -6.84 -5.41
C ARG A 137 23.99 -7.86 -4.28
N ASP A 138 22.76 -8.24 -3.98
CA ASP A 138 22.50 -9.37 -3.05
C ASP A 138 22.64 -10.71 -3.82
N ASP A 139 22.35 -11.81 -3.15
CA ASP A 139 22.45 -13.18 -3.74
C ASP A 139 21.44 -13.44 -4.87
N SER A 140 20.29 -12.79 -4.87
CA SER A 140 19.38 -12.84 -6.02
C SER A 140 19.84 -12.04 -7.22
N GLY A 141 20.51 -10.92 -7.01
CA GLY A 141 20.83 -9.96 -8.07
C GLY A 141 20.25 -8.58 -7.91
N ASN A 142 19.40 -8.36 -6.91
CA ASN A 142 18.92 -7.01 -6.65
C ASN A 142 20.13 -6.14 -6.25
N TRP A 143 20.09 -4.87 -6.57
CA TRP A 143 21.23 -3.98 -6.24
C TRP A 143 20.87 -2.87 -5.24
N PHE A 144 21.87 -2.49 -4.46
CA PHE A 144 21.80 -1.36 -3.51
C PHE A 144 22.88 -0.32 -3.85
N SER A 145 22.52 0.97 -3.84
CA SER A 145 23.51 2.05 -3.65
C SER A 145 24.00 2.09 -2.20
N LEU A 146 25.30 2.23 -2.04
CA LEU A 146 25.97 2.48 -0.80
C LEU A 146 26.58 3.92 -0.92
N THR A 147 26.17 4.82 -0.04
CA THR A 147 26.46 6.24 -0.14
C THR A 147 27.01 6.78 1.20
N ASP A 148 27.84 7.83 1.11
CA ASP A 148 28.27 8.61 2.30
C ASP A 148 28.31 10.09 1.94
N ALA A 149 28.73 10.94 2.87
CA ALA A 149 28.81 12.39 2.60
C ALA A 149 30.26 12.90 2.52
N ARG A 150 31.16 12.06 2.01
CA ARG A 150 32.56 12.37 1.80
C ARG A 150 32.89 12.70 0.35
N GLY A 151 33.96 13.48 0.14
CA GLY A 151 34.34 14.00 -1.19
C GLY A 151 35.58 13.48 -1.91
N SER B 18 -34.66 10.29 -47.28
CA SER B 18 -33.34 10.99 -47.35
C SER B 18 -32.55 10.83 -46.02
N ALA B 19 -32.15 9.62 -45.69
CA ALA B 19 -31.36 9.40 -44.46
C ALA B 19 -30.00 10.13 -44.52
N ARG B 20 -29.55 10.56 -43.36
CA ARG B 20 -28.34 11.29 -43.19
C ARG B 20 -27.64 10.78 -41.89
N LEU B 21 -26.32 10.65 -41.93
CA LEU B 21 -25.55 10.38 -40.76
C LEU B 21 -25.34 11.66 -39.95
N SER B 22 -25.93 11.73 -38.76
CA SER B 22 -25.76 12.82 -37.80
C SER B 22 -24.70 12.58 -36.72
N HIS B 23 -24.46 11.32 -36.35
CA HIS B 23 -23.53 11.02 -35.26
C HIS B 23 -22.74 9.76 -35.51
N VAL B 24 -21.55 9.78 -34.98
CA VAL B 24 -20.65 8.69 -35.03
C VAL B 24 -20.39 8.26 -33.57
N THR B 25 -20.50 6.98 -33.29
CA THR B 25 -20.32 6.46 -31.93
C THR B 25 -18.86 6.21 -31.66
N VAL B 26 -18.33 6.87 -30.64
CA VAL B 26 -16.94 6.64 -30.16
C VAL B 26 -16.99 5.94 -28.77
N PRO B 27 -16.50 4.69 -28.67
CA PRO B 27 -16.51 4.05 -27.29
C PRO B 27 -15.39 4.62 -26.47
N VAL B 28 -15.69 5.22 -25.33
CA VAL B 28 -14.70 5.81 -24.45
C VAL B 28 -14.67 5.06 -23.09
N LEU B 29 -13.54 5.13 -22.40
CA LEU B 29 -13.32 4.44 -21.16
C LEU B 29 -13.77 5.29 -19.98
N ASP B 30 -13.63 6.61 -20.07
CA ASP B 30 -14.20 7.57 -19.11
C ASP B 30 -14.68 8.90 -19.82
N GLN B 31 -15.95 9.20 -19.66
CA GLN B 31 -16.59 10.33 -20.28
C GLN B 31 -16.06 11.71 -19.91
N ASP B 32 -15.81 11.94 -18.64
CA ASP B 32 -15.21 13.20 -18.23
C ASP B 32 -13.78 13.40 -18.84
N SER B 33 -12.98 12.34 -18.85
CA SER B 33 -11.65 12.36 -19.39
C SER B 33 -11.70 12.62 -20.95
N ALA B 34 -12.62 11.97 -21.65
CA ALA B 34 -12.85 12.12 -23.07
C ALA B 34 -13.35 13.51 -23.38
N LYS B 35 -14.35 13.96 -22.63
CA LYS B 35 -14.79 15.33 -22.75
C LYS B 35 -13.63 16.32 -22.68
N GLU B 36 -12.78 16.20 -21.68
CA GLU B 36 -11.60 17.08 -21.60
C GLU B 36 -10.65 16.96 -22.81
N PHE B 37 -10.32 15.74 -23.20
CA PHE B 37 -9.49 15.51 -24.39
C PHE B 37 -10.08 16.13 -25.66
N TYR B 38 -11.36 15.90 -25.93
CA TYR B 38 -11.93 16.37 -27.19
C TYR B 38 -12.05 17.88 -27.27
N THR B 39 -12.37 18.52 -26.16
CA THR B 39 -12.53 19.97 -26.15
C THR B 39 -11.18 20.64 -25.94
N GLU B 40 -10.44 20.28 -24.91
CA GLU B 40 -9.21 21.01 -24.60
C GLU B 40 -8.06 20.64 -25.57
N LYS B 41 -7.88 19.36 -25.89
CA LYS B 41 -6.78 18.98 -26.76
C LYS B 41 -7.08 19.11 -28.22
N LEU B 42 -8.25 18.66 -28.69
CA LEU B 42 -8.58 18.79 -30.10
C LEU B 42 -9.27 20.08 -30.47
N GLY B 43 -9.72 20.85 -29.50
CA GLY B 43 -10.46 22.09 -29.79
C GLY B 43 -11.88 21.90 -30.26
N PHE B 44 -12.42 20.71 -30.11
CA PHE B 44 -13.81 20.54 -30.50
C PHE B 44 -14.70 21.21 -29.50
N GLU B 45 -15.94 21.41 -29.87
CA GLU B 45 -16.88 22.05 -28.97
C GLU B 45 -17.89 21.02 -28.49
N VAL B 46 -18.39 21.26 -27.29
CA VAL B 46 -19.47 20.44 -26.71
C VAL B 46 -20.73 20.87 -27.42
N ARG B 47 -21.40 19.94 -28.09
CA ARG B 47 -22.70 20.17 -28.69
C ARG B 47 -23.88 19.71 -27.82
N ASN B 48 -23.67 18.66 -27.01
CA ASN B 48 -24.66 18.19 -26.04
C ASN B 48 -23.95 17.60 -24.84
N ASP B 49 -24.47 17.92 -23.66
CA ASP B 49 -24.12 17.16 -22.45
C ASP B 49 -25.36 17.12 -21.53
N THR B 51 -28.20 14.13 -19.42
CA THR B 51 -28.39 12.79 -18.99
C THR B 51 -29.87 12.50 -18.95
N GLY B 53 -32.42 9.09 -17.98
CA GLY B 53 -32.50 7.73 -17.43
C GLY B 53 -31.14 7.05 -17.20
N GLY B 54 -30.21 7.76 -16.59
CA GLY B 54 -28.85 7.21 -16.37
C GLY B 54 -27.84 7.28 -17.52
N LEU B 55 -28.28 7.53 -18.76
CA LEU B 55 -27.37 7.62 -19.94
C LEU B 55 -26.89 9.06 -20.16
N ARG B 56 -25.60 9.31 -20.00
CA ARG B 56 -25.05 10.62 -20.35
C ARG B 56 -24.84 10.71 -21.89
N TRP B 57 -25.64 11.53 -22.57
CA TRP B 57 -25.56 11.83 -23.99
C TRP B 57 -24.62 13.03 -24.15
N LEU B 58 -23.34 12.71 -24.33
CA LEU B 58 -22.26 13.68 -24.47
C LEU B 58 -21.74 13.63 -25.94
N THR B 59 -21.93 14.75 -26.67
CA THR B 59 -21.52 14.89 -28.04
C THR B 59 -20.69 16.10 -28.29
N VAL B 60 -19.69 15.88 -29.17
CA VAL B 60 -18.71 16.85 -29.56
C VAL B 60 -18.55 16.89 -31.08
N GLY B 61 -18.02 18.01 -31.55
CA GLY B 61 -17.87 18.20 -33.00
C GLY B 61 -16.91 19.36 -33.25
N PRO B 62 -16.22 19.35 -34.39
CA PRO B 62 -15.33 20.51 -34.70
C PRO B 62 -16.15 21.79 -35.00
N LYS B 63 -15.59 22.95 -34.66
CA LYS B 63 -16.20 24.29 -34.89
C LYS B 63 -16.85 24.44 -36.28
N ASP B 64 -16.07 24.20 -37.33
CA ASP B 64 -16.55 24.37 -38.72
C ASP B 64 -17.88 23.58 -38.97
N GLN B 65 -17.85 22.27 -38.68
CA GLN B 65 -18.84 21.28 -39.15
C GLN B 65 -19.98 21.10 -38.16
N PRO B 66 -21.22 21.46 -38.52
CA PRO B 66 -22.41 21.14 -37.71
C PRO B 66 -23.07 19.82 -38.09
N ASP B 67 -22.60 19.25 -39.18
CA ASP B 67 -23.26 18.15 -39.85
C ASP B 67 -23.23 16.85 -39.00
N VAL B 68 -22.05 16.52 -38.48
CA VAL B 68 -21.75 15.24 -37.90
C VAL B 68 -21.12 15.43 -36.52
N GLU B 69 -21.79 14.91 -35.49
CA GLU B 69 -21.24 14.94 -34.13
C GLU B 69 -20.62 13.58 -33.80
N VAL B 71 -20.46 10.98 -30.64
CA VAL B 71 -21.02 10.55 -29.38
C VAL B 71 -19.94 9.87 -28.49
N LEU B 72 -19.62 10.49 -27.36
CA LEU B 72 -18.63 9.92 -26.46
C LEU B 72 -19.33 8.95 -25.52
N ARG B 73 -19.38 7.68 -25.91
CA ARG B 73 -20.27 6.68 -25.33
C ARG B 73 -19.55 5.81 -24.31
N ARG B 74 -20.10 5.77 -23.09
CA ARG B 74 -19.57 4.98 -21.97
C ARG B 74 -19.60 3.50 -22.27
N VAL B 75 -18.49 2.84 -22.00
CA VAL B 75 -18.48 1.37 -22.08
C VAL B 75 -18.52 0.76 -20.66
N GLY B 76 -19.71 0.29 -20.32
CA GLY B 76 -20.04 -0.33 -19.01
C GLY B 76 -21.55 -0.56 -18.92
N ALA B 77 -21.95 -1.05 -17.76
CA ALA B 77 -23.36 -1.34 -17.50
C ALA B 77 -24.18 -0.03 -17.44
N PRO B 78 -25.42 -0.05 -17.91
CA PRO B 78 -26.15 -1.23 -18.36
C PRO B 78 -26.08 -1.53 -19.88
N GLU B 79 -25.53 -0.62 -20.69
CA GLU B 79 -25.68 -0.74 -22.15
C GLU B 79 -24.84 -1.87 -22.64
N TYR B 80 -23.76 -2.15 -21.94
CA TYR B 80 -22.90 -3.31 -22.22
C TYR B 80 -23.02 -4.26 -21.03
N ASP B 81 -23.13 -5.56 -21.34
CA ASP B 81 -23.13 -6.57 -20.31
C ASP B 81 -21.69 -6.65 -19.71
N GLU B 82 -21.63 -6.89 -18.40
CA GLU B 82 -20.40 -7.02 -17.57
C GLU B 82 -19.10 -7.47 -18.27
N GLU B 83 -19.21 -8.48 -19.12
CA GLU B 83 -18.04 -9.11 -19.70
C GLU B 83 -17.74 -8.65 -21.13
N THR B 84 -18.78 -8.41 -21.96
CA THR B 84 -18.61 -7.70 -23.22
C THR B 84 -17.89 -6.36 -22.97
N ALA B 85 -18.36 -5.61 -22.00
CA ALA B 85 -17.67 -4.43 -21.53
C ALA B 85 -16.18 -4.63 -21.42
N GLU B 86 -15.73 -5.62 -20.65
CA GLU B 86 -14.26 -5.75 -20.42
C GLU B 86 -13.49 -6.14 -21.68
N GLN B 87 -14.12 -6.93 -22.53
CA GLN B 87 -13.55 -7.25 -23.84
C GLN B 87 -13.44 -5.99 -24.74
N LEU B 88 -14.47 -5.13 -24.77
CA LEU B 88 -14.44 -3.89 -25.57
C LEU B 88 -13.44 -2.92 -25.00
N ARG B 89 -13.45 -2.75 -23.67
CA ARG B 89 -12.56 -1.81 -22.97
C ARG B 89 -11.08 -2.18 -23.14
N ASP B 90 -10.84 -3.47 -23.29
CA ASP B 90 -9.54 -4.03 -23.55
C ASP B 90 -9.10 -3.70 -24.99
N LEU B 91 -9.98 -3.93 -25.97
CA LEU B 91 -9.66 -3.57 -27.38
C LEU B 91 -9.49 -2.06 -27.56
N VAL B 92 -10.23 -1.27 -26.78
CA VAL B 92 -10.14 0.21 -26.92
C VAL B 92 -8.80 0.67 -26.40
N ALA B 93 -8.37 0.10 -25.27
CA ALA B 93 -7.06 0.47 -24.72
C ALA B 93 -5.86 -0.02 -25.57
N LYS B 94 -6.00 -1.12 -26.31
CA LYS B 94 -4.97 -1.54 -27.27
C LYS B 94 -4.99 -0.77 -28.60
N GLY B 95 -5.90 0.21 -28.77
CA GLY B 95 -5.97 1.03 -29.98
C GLY B 95 -6.46 0.32 -31.23
N VAL B 96 -7.53 -0.46 -31.11
CA VAL B 96 -8.01 -1.29 -32.24
C VAL B 96 -9.21 -0.64 -32.93
N ILE B 97 -9.85 0.28 -32.24
CA ILE B 97 -10.99 0.95 -32.80
C ILE B 97 -10.43 2.20 -33.49
N GLY B 98 -10.53 2.22 -34.81
CA GLY B 98 -10.27 3.43 -35.60
C GLY B 98 -11.57 4.14 -35.79
N VAL B 99 -11.71 5.36 -35.29
CA VAL B 99 -13.00 6.07 -35.50
C VAL B 99 -13.23 6.50 -36.95
N GLY B 100 -12.17 7.04 -37.56
CA GLY B 100 -12.24 7.53 -38.93
C GLY B 100 -11.17 8.55 -39.22
N VAL B 101 -11.51 9.48 -40.10
CA VAL B 101 -10.56 10.43 -40.67
C VAL B 101 -11.04 11.85 -40.44
N LEU B 102 -10.17 12.69 -39.94
CA LEU B 102 -10.40 14.08 -39.83
C LEU B 102 -9.68 14.81 -40.98
N HIS B 103 -10.43 15.55 -41.77
CA HIS B 103 -9.88 16.33 -42.86
C HIS B 103 -9.59 17.73 -42.41
N VAL B 104 -8.35 18.17 -42.61
CA VAL B 104 -7.92 19.51 -42.37
C VAL B 104 -7.23 20.09 -43.63
N ASP B 105 -7.03 21.39 -43.57
CA ASP B 105 -6.35 22.11 -44.62
C ASP B 105 -4.87 21.76 -44.71
N ASP B 106 -4.17 21.66 -43.58
CA ASP B 106 -2.71 21.40 -43.55
C ASP B 106 -2.37 20.45 -42.37
N THR B 107 -1.94 19.24 -42.71
CA THR B 107 -1.78 18.16 -41.76
C THR B 107 -0.60 18.49 -40.85
N ARG B 108 0.49 19.02 -41.41
CA ARG B 108 1.62 19.44 -40.60
C ARG B 108 1.30 20.48 -39.57
N ALA B 109 0.43 21.42 -39.94
CA ALA B 109 0.11 22.50 -39.04
C ALA B 109 -0.76 21.95 -37.89
N THR B 110 -1.73 21.10 -38.20
CA THR B 110 -2.62 20.57 -37.17
C THR B 110 -1.89 19.56 -36.26
N TYR B 111 -1.02 18.75 -36.87
CA TYR B 111 -0.10 17.89 -36.17
C TYR B 111 0.65 18.63 -35.11
N GLU B 112 1.24 19.77 -35.46
CA GLU B 112 2.06 20.48 -34.47
C GLU B 112 1.16 21.21 -33.44
N ARG B 113 -0.04 21.63 -33.82
CA ARG B 113 -1.01 22.24 -32.85
C ARG B 113 -1.39 21.21 -31.79
N TYR B 114 -1.79 20.05 -32.26
CA TYR B 114 -2.26 19.00 -31.41
C TYR B 114 -1.14 18.43 -30.58
N ARG B 115 0.04 18.32 -31.17
CA ARG B 115 1.15 17.79 -30.43
C ARG B 115 1.59 18.76 -29.32
N ALA B 116 1.55 20.06 -29.58
CA ALA B 116 1.92 21.02 -28.57
C ALA B 116 0.89 21.09 -27.40
N ALA B 117 -0.39 20.83 -27.68
CA ALA B 117 -1.37 20.48 -26.61
C ALA B 117 -0.92 19.08 -26.32
N GLY B 118 -1.57 18.29 -25.56
CA GLY B 118 -0.87 17.01 -25.28
C GLY B 118 -1.13 15.77 -26.10
N VAL B 119 -1.48 15.90 -27.38
CA VAL B 119 -1.98 14.74 -28.15
C VAL B 119 -0.85 13.83 -28.58
N ILE B 120 -1.07 12.50 -28.46
CA ILE B 120 -0.06 11.48 -28.76
C ILE B 120 -0.30 10.95 -30.15
N PHE B 121 0.73 11.01 -30.99
CA PHE B 121 0.63 10.60 -32.37
C PHE B 121 1.35 9.27 -32.51
N ILE B 122 0.72 8.34 -33.18
CA ILE B 122 1.34 7.08 -33.48
C ILE B 122 1.95 7.03 -34.88
N GLN B 123 1.64 8.01 -35.73
CA GLN B 123 2.35 8.19 -37.01
C GLN B 123 2.45 9.69 -37.24
N GLU B 124 3.66 10.22 -37.37
CA GLU B 124 3.89 11.58 -37.82
C GLU B 124 3.35 11.78 -39.27
N PRO B 125 3.23 13.03 -39.72
CA PRO B 125 2.72 13.24 -41.08
C PRO B 125 3.61 12.52 -42.14
N VAL B 126 2.96 11.72 -42.98
CA VAL B 126 3.58 10.97 -44.07
C VAL B 126 2.89 11.39 -45.38
N LYS B 127 3.63 11.50 -46.46
CA LYS B 127 3.02 11.83 -47.77
C LYS B 127 2.42 10.59 -48.36
N ARG B 128 1.16 10.68 -48.74
CA ARG B 128 0.46 9.59 -49.35
C ARG B 128 0.00 10.11 -50.70
N PRO B 129 -0.48 9.20 -51.57
CA PRO B 129 -0.94 9.67 -52.87
C PRO B 129 -2.09 10.64 -52.80
N TYR B 130 -2.93 10.51 -51.78
CA TYR B 130 -4.13 11.36 -51.60
C TYR B 130 -3.84 12.66 -50.79
N GLY B 131 -2.65 12.81 -50.20
CA GLY B 131 -2.42 13.88 -49.25
C GLY B 131 -1.41 13.50 -48.17
N THR B 132 -1.23 14.40 -47.21
CA THR B 132 -0.39 14.16 -46.11
C THR B 132 -1.29 13.57 -44.98
N GLU B 133 -0.85 12.47 -44.39
CA GLU B 133 -1.59 11.69 -43.41
C GLU B 133 -0.78 11.55 -42.14
N ALA B 134 -1.41 11.87 -41.02
CA ALA B 134 -0.93 11.48 -39.66
C ALA B 134 -1.99 10.69 -38.89
N VAL B 135 -1.59 10.06 -37.78
CA VAL B 135 -2.48 9.23 -36.99
C VAL B 135 -2.26 9.56 -35.52
N PHE B 136 -3.33 9.95 -34.82
CA PHE B 136 -3.23 10.12 -33.41
C PHE B 136 -4.21 9.21 -32.70
N ARG B 137 -4.06 9.19 -31.40
CA ARG B 137 -5.04 8.53 -30.53
C ARG B 137 -5.68 9.45 -29.52
N ASP B 138 -6.91 9.11 -29.15
CA ASP B 138 -7.63 9.87 -28.06
C ASP B 138 -7.14 9.41 -26.66
N ASP B 139 -7.73 9.96 -25.61
CA ASP B 139 -7.40 9.62 -24.19
C ASP B 139 -7.65 8.10 -23.87
N SER B 140 -8.67 7.48 -24.47
CA SER B 140 -8.92 6.06 -24.31
C SER B 140 -7.99 5.09 -25.11
N GLY B 141 -7.37 5.57 -26.17
CA GLY B 141 -6.70 4.72 -27.14
C GLY B 141 -7.36 4.56 -28.51
N ASN B 142 -8.53 5.14 -28.75
CA ASN B 142 -9.10 5.08 -30.10
C ASN B 142 -8.16 5.87 -31.04
N TRP B 143 -8.05 5.47 -32.30
CA TRP B 143 -7.24 6.22 -33.25
C TRP B 143 -8.01 6.96 -34.36
N PHE B 144 -7.46 8.11 -34.76
CA PHE B 144 -7.98 8.86 -35.86
C PHE B 144 -6.85 9.11 -36.85
N SER B 145 -7.21 9.05 -38.10
CA SER B 145 -6.35 9.50 -39.13
C SER B 145 -6.64 11.01 -39.39
N LEU B 146 -5.59 11.81 -39.44
CA LEU B 146 -5.58 13.24 -39.72
C LEU B 146 -5.01 13.47 -41.15
N THR B 147 -5.87 13.91 -42.07
CA THR B 147 -5.52 14.04 -43.47
C THR B 147 -5.80 15.45 -44.08
N ASP B 148 -5.01 15.81 -45.09
CA ASP B 148 -5.21 17.00 -45.93
C ASP B 148 -5.01 16.64 -47.42
N ALA B 149 -5.26 17.58 -48.34
CA ALA B 149 -5.01 17.35 -49.77
C ALA B 149 -3.69 17.97 -50.25
N ARG B 150 -2.62 17.77 -49.48
CA ARG B 150 -1.35 18.38 -49.83
C ARG B 150 -0.28 17.38 -50.12
N GLY B 151 0.65 17.80 -50.99
CA GLY B 151 1.96 17.25 -51.08
C GLY B 151 2.82 18.09 -50.14
N SER C 18 -13.83 -5.66 38.34
CA SER C 18 -13.29 -6.89 37.87
C SER C 18 -11.73 -6.80 37.89
N ALA C 19 -11.15 -5.68 38.35
CA ALA C 19 -9.74 -5.39 38.03
C ALA C 19 -8.75 -6.31 38.69
N ARG C 20 -7.73 -6.72 37.96
CA ARG C 20 -6.68 -7.59 38.51
C ARG C 20 -5.37 -7.32 37.79
N LEU C 21 -4.24 -7.28 38.47
CA LEU C 21 -2.95 -7.28 37.84
C LEU C 21 -2.62 -8.64 37.16
N SER C 22 -2.55 -8.66 35.81
CA SER C 22 -2.31 -9.88 35.05
C SER C 22 -0.88 -9.96 34.61
N HIS C 23 -0.19 -8.84 34.44
CA HIS C 23 1.18 -8.84 34.02
C HIS C 23 1.99 -7.88 34.86
N VAL C 24 3.19 -8.31 35.17
CA VAL C 24 4.21 -7.50 35.88
C VAL C 24 5.38 -7.36 34.95
N THR C 25 5.86 -6.16 34.79
CA THR C 25 7.00 -5.88 33.92
C THR C 25 8.30 -6.06 34.64
N VAL C 26 9.24 -6.81 34.02
CA VAL C 26 10.56 -7.03 34.55
C VAL C 26 11.56 -6.50 33.48
N PRO C 27 12.31 -5.46 33.82
CA PRO C 27 13.25 -4.89 32.84
C PRO C 27 14.45 -5.84 32.77
N VAL C 28 14.78 -6.33 31.58
CA VAL C 28 15.93 -7.28 31.46
C VAL C 28 17.05 -6.75 30.51
N LEU C 29 18.30 -7.08 30.79
CA LEU C 29 19.41 -6.72 29.87
C LEU C 29 19.36 -7.49 28.52
N ASP C 30 19.19 -8.80 28.59
CA ASP C 30 19.15 -9.66 27.42
C ASP C 30 17.97 -10.64 27.58
N GLN C 31 17.06 -10.68 26.63
CA GLN C 31 15.92 -11.53 26.74
C GLN C 31 16.22 -13.02 26.67
N ASP C 32 17.25 -13.41 25.91
CA ASP C 32 17.63 -14.83 25.82
C ASP C 32 18.20 -15.27 27.15
N SER C 33 19.06 -14.47 27.75
CA SER C 33 19.62 -14.86 29.04
C SER C 33 18.48 -14.90 30.15
N ALA C 34 17.56 -13.93 30.13
CA ALA C 34 16.48 -13.89 31.10
C ALA C 34 15.58 -15.07 30.92
N LYS C 35 15.28 -15.42 29.68
CA LYS C 35 14.46 -16.61 29.44
C LYS C 35 15.08 -17.86 30.08
N GLU C 36 16.36 -18.06 29.87
CA GLU C 36 17.06 -19.20 30.49
C GLU C 36 16.97 -19.07 31.98
N PHE C 37 17.17 -17.87 32.54
CA PHE C 37 17.18 -17.75 34.01
C PHE C 37 15.85 -18.15 34.62
N TYR C 38 14.77 -17.56 34.11
CA TYR C 38 13.42 -17.77 34.67
C TYR C 38 12.89 -19.15 34.43
N THR C 39 13.16 -19.74 33.26
CA THR C 39 12.65 -21.11 32.91
C THR C 39 13.54 -22.23 33.43
N GLU C 40 14.85 -22.13 33.26
CA GLU C 40 15.74 -23.23 33.65
C GLU C 40 16.21 -23.15 35.08
N LYS C 41 16.48 -21.96 35.59
CA LYS C 41 16.91 -21.89 36.97
C LYS C 41 15.73 -21.76 37.94
N LEU C 42 14.69 -20.97 37.65
CA LEU C 42 13.53 -20.91 38.57
C LEU C 42 12.46 -21.93 38.33
N GLY C 43 12.46 -22.61 37.19
CA GLY C 43 11.40 -23.56 36.91
C GLY C 43 10.09 -22.91 36.51
N PHE C 44 10.11 -21.65 36.08
CA PHE C 44 8.87 -20.98 35.66
C PHE C 44 8.56 -21.52 34.26
N GLU C 45 7.31 -21.49 33.89
CA GLU C 45 6.95 -21.88 32.52
C GLU C 45 6.83 -20.69 31.54
N VAL C 46 7.06 -20.96 30.25
CA VAL C 46 6.91 -19.95 29.22
C VAL C 46 5.41 -19.85 28.94
N ARG C 47 4.91 -18.64 28.96
CA ARG C 47 3.51 -18.38 28.75
C ARG C 47 3.37 -17.82 27.34
N ASN C 48 4.24 -16.91 26.96
CA ASN C 48 4.28 -16.40 25.60
C ASN C 48 5.69 -16.16 25.18
N ASP C 49 5.95 -16.38 23.89
CA ASP C 49 7.22 -15.99 23.24
C ASP C 49 6.92 -15.89 21.74
N THR C 51 6.87 -12.58 18.30
CA THR C 51 7.54 -11.35 17.82
C THR C 51 6.77 -10.51 16.79
N GLY C 54 9.14 -7.07 14.32
CA GLY C 54 9.79 -6.29 15.38
C GLY C 54 9.08 -6.55 16.71
N LEU C 55 9.87 -6.52 17.81
CA LEU C 55 9.43 -6.69 19.24
C LEU C 55 9.20 -8.12 19.73
N ARG C 56 9.99 -8.56 20.72
CA ARG C 56 9.78 -9.87 21.33
C ARG C 56 8.97 -9.80 22.65
N TRP C 57 7.74 -10.25 22.57
CA TRP C 57 6.84 -10.42 23.69
C TRP C 57 7.13 -11.78 24.37
N LEU C 58 7.84 -11.72 25.49
CA LEU C 58 8.27 -12.92 26.25
C LEU C 58 7.70 -12.81 27.67
N THR C 59 6.81 -13.73 28.05
CA THR C 59 6.29 -13.77 29.39
C THR C 59 6.39 -15.16 29.94
N VAL C 60 6.57 -15.22 31.27
CA VAL C 60 6.87 -16.40 32.03
C VAL C 60 6.10 -16.34 33.33
N GLY C 61 5.85 -17.49 33.94
CA GLY C 61 5.16 -17.49 35.22
C GLY C 61 5.29 -18.77 35.96
N PRO C 62 5.15 -18.74 37.29
CA PRO C 62 5.17 -19.97 38.06
C PRO C 62 4.04 -20.90 37.66
N LYS C 63 4.33 -22.20 37.62
CA LYS C 63 3.28 -23.22 37.37
C LYS C 63 2.04 -23.12 38.25
N ASP C 64 2.20 -22.84 39.54
CA ASP C 64 1.02 -22.74 40.43
C ASP C 64 0.24 -21.42 40.30
N GLN C 65 0.62 -20.50 39.41
CA GLN C 65 -0.01 -19.21 39.33
C GLN C 65 -0.39 -18.90 37.91
N PRO C 66 -1.50 -19.47 37.42
CA PRO C 66 -1.85 -19.35 36.00
C PRO C 66 -2.25 -17.94 35.45
N ASP C 67 -2.62 -17.03 36.32
CA ASP C 67 -3.25 -15.83 35.92
C ASP C 67 -2.32 -14.59 36.12
N VAL C 68 -1.07 -14.79 36.49
CA VAL C 68 -0.11 -13.68 36.59
C VAL C 68 1.08 -14.11 35.75
N GLU C 69 1.59 -13.21 34.94
CA GLU C 69 2.74 -13.45 34.08
C GLU C 69 3.72 -12.32 34.38
N VAL C 71 6.50 -10.14 32.42
CA VAL C 71 6.88 -9.70 31.08
C VAL C 71 8.35 -9.42 31.10
N LEU C 72 9.17 -10.18 30.35
CA LEU C 72 10.58 -9.85 30.36
C LEU C 72 10.81 -8.86 29.20
N ARG C 73 10.94 -7.60 29.56
CA ARG C 73 10.93 -6.49 28.63
C ARG C 73 12.37 -6.07 28.40
N ARG C 74 12.84 -6.16 27.16
CA ARG C 74 14.19 -5.67 26.83
C ARG C 74 14.34 -4.18 27.06
N VAL C 75 15.37 -3.81 27.81
CA VAL C 75 15.68 -2.43 28.02
C VAL C 75 16.49 -1.91 26.80
N GLY C 76 15.79 -1.32 25.86
CA GLY C 76 16.48 -0.75 24.68
C GLY C 76 15.50 -0.24 23.65
N ALA C 77 16.05 0.10 22.48
CA ALA C 77 15.27 0.64 21.38
C ALA C 77 14.43 -0.49 20.76
N PRO C 78 13.18 -0.23 20.37
CA PRO C 78 12.58 1.09 20.32
C PRO C 78 11.64 1.43 21.50
N GLU C 79 11.44 0.55 22.49
CA GLU C 79 10.52 0.89 23.60
C GLU C 79 11.03 2.04 24.46
N TYR C 80 12.34 2.14 24.65
CA TYR C 80 12.97 3.22 25.41
C TYR C 80 13.91 3.99 24.49
N ASP C 81 14.37 5.18 24.90
CA ASP C 81 15.34 5.96 24.07
C ASP C 81 16.77 5.84 24.61
N GLU C 82 17.76 6.36 23.87
CA GLU C 82 19.17 6.07 24.13
C GLU C 82 19.64 6.32 25.57
N GLU C 83 19.33 7.48 26.14
CA GLU C 83 19.84 7.86 27.49
C GLU C 83 19.00 7.33 28.71
N THR C 84 17.71 7.09 28.46
CA THR C 84 16.78 6.40 29.36
C THR C 84 17.26 4.96 29.51
N ALA C 85 17.28 4.25 28.38
CA ALA C 85 17.79 2.87 28.26
C ALA C 85 19.12 2.71 28.94
N GLU C 86 19.98 3.69 28.77
CA GLU C 86 21.29 3.70 29.41
C GLU C 86 21.24 3.96 30.93
N GLN C 87 20.38 4.88 31.39
CA GLN C 87 20.26 5.02 32.83
C GLN C 87 19.67 3.75 33.47
N LEU C 88 18.62 3.21 32.84
CA LEU C 88 17.90 2.04 33.36
C LEU C 88 18.76 0.79 33.42
N ARG C 89 19.53 0.51 32.36
CA ARG C 89 20.54 -0.56 32.37
C ARG C 89 21.51 -0.49 33.51
N ASP C 90 22.01 0.71 33.80
CA ASP C 90 22.94 0.85 34.91
C ASP C 90 22.27 0.55 36.27
N LEU C 91 21.04 1.03 36.43
CA LEU C 91 20.29 0.75 37.67
C LEU C 91 19.97 -0.74 37.76
N VAL C 92 19.66 -1.36 36.63
CA VAL C 92 19.30 -2.76 36.64
C VAL C 92 20.53 -3.58 37.05
N ALA C 93 21.65 -3.43 36.32
CA ALA C 93 22.92 -4.09 36.71
C ALA C 93 23.34 -3.82 38.13
N LYS C 94 23.03 -2.66 38.67
CA LYS C 94 23.39 -2.40 40.10
C LYS C 94 22.48 -3.00 41.14
N GLY C 95 21.37 -3.61 40.74
CA GLY C 95 20.44 -4.24 41.71
C GLY C 95 19.41 -3.29 42.30
N VAL C 96 19.04 -2.25 41.57
CA VAL C 96 18.21 -1.20 42.12
C VAL C 96 16.68 -1.54 41.93
N ILE C 97 16.35 -2.34 40.90
CA ILE C 97 14.98 -2.73 40.63
C ILE C 97 14.70 -4.02 41.38
N GLY C 98 13.93 -3.90 42.47
CA GLY C 98 13.44 -5.04 43.26
C GLY C 98 12.08 -5.33 42.66
N VAL C 99 11.91 -6.51 42.02
CA VAL C 99 10.66 -6.83 41.35
C VAL C 99 9.51 -7.06 42.31
N GLY C 100 9.77 -7.76 43.43
CA GLY C 100 8.69 -8.16 44.31
C GLY C 100 9.06 -9.32 45.18
N VAL C 101 8.04 -10.06 45.61
CA VAL C 101 8.15 -11.15 46.52
C VAL C 101 7.54 -12.45 45.99
N LEU C 102 8.32 -13.51 46.06
CA LEU C 102 7.84 -14.84 45.79
C LEU C 102 7.51 -15.58 47.07
N HIS C 103 6.31 -16.12 47.14
CA HIS C 103 5.91 -16.90 48.21
C HIS C 103 6.01 -18.35 47.88
N VAL C 104 6.58 -19.12 48.82
CA VAL C 104 6.70 -20.57 48.75
C VAL C 104 6.31 -21.25 50.07
N ASP C 105 6.13 -22.57 50.04
CA ASP C 105 5.88 -23.37 51.23
C ASP C 105 7.05 -23.33 52.23
N ASP C 106 8.30 -23.45 51.75
CA ASP C 106 9.45 -23.59 52.62
C ASP C 106 10.59 -22.84 52.00
N THR C 107 11.02 -21.77 52.63
CA THR C 107 12.06 -20.94 52.07
C THR C 107 13.37 -21.71 51.95
N ARG C 108 13.68 -22.58 52.92
CA ARG C 108 14.96 -23.30 52.88
C ARG C 108 14.99 -24.28 51.77
N ALA C 109 13.87 -24.95 51.52
CA ALA C 109 13.84 -25.95 50.45
C ALA C 109 13.94 -25.28 49.09
N THR C 110 13.29 -24.14 48.90
CA THR C 110 13.43 -23.43 47.65
C THR C 110 14.81 -22.79 47.53
N TYR C 111 15.41 -22.35 48.61
CA TYR C 111 16.78 -21.86 48.54
C TYR C 111 17.74 -22.95 48.02
N GLU C 112 17.64 -24.19 48.52
CA GLU C 112 18.51 -25.30 48.04
C GLU C 112 18.27 -25.63 46.54
N ARG C 113 17.01 -25.65 46.08
CA ARG C 113 16.73 -25.89 44.69
C ARG C 113 17.31 -24.77 43.81
N TYR C 114 17.05 -23.50 44.11
CA TYR C 114 17.51 -22.41 43.27
C TYR C 114 19.01 -22.30 43.30
N ARG C 115 19.59 -22.44 44.47
CA ARG C 115 21.06 -22.47 44.56
C ARG C 115 21.72 -23.56 43.71
N ALA C 116 21.21 -24.79 43.77
CA ALA C 116 21.77 -25.85 42.97
C ALA C 116 21.64 -25.60 41.49
N ALA C 117 20.55 -24.95 41.07
CA ALA C 117 20.45 -24.44 39.67
C ALA C 117 21.46 -23.32 39.81
N GLY C 118 21.85 -22.56 38.87
CA GLY C 118 22.86 -21.56 39.40
C GLY C 118 22.46 -20.21 40.05
N VAL C 119 21.42 -20.10 40.89
CA VAL C 119 20.90 -18.75 41.31
C VAL C 119 21.79 -18.09 42.38
N ILE C 120 22.14 -16.82 42.20
CA ILE C 120 22.95 -16.15 43.23
C ILE C 120 22.05 -15.47 44.27
N PHE C 121 22.25 -15.84 45.53
CA PHE C 121 21.56 -15.26 46.65
C PHE C 121 22.39 -14.11 47.27
N ILE C 122 21.71 -13.01 47.57
CA ILE C 122 22.30 -11.85 48.25
C ILE C 122 22.15 -12.02 49.74
N GLN C 123 21.09 -12.71 50.15
CA GLN C 123 20.84 -13.04 51.53
C GLN C 123 20.29 -14.43 51.56
N GLU C 124 20.91 -15.25 52.38
CA GLU C 124 20.56 -16.62 52.56
C GLU C 124 19.39 -16.64 53.54
N PRO C 125 18.69 -17.76 53.63
CA PRO C 125 17.48 -17.80 54.48
C PRO C 125 17.74 -17.41 55.95
N VAL C 126 16.93 -16.50 56.46
CA VAL C 126 17.00 -16.07 57.83
C VAL C 126 15.61 -16.08 58.36
N LYS C 127 15.46 -16.70 59.51
CA LYS C 127 14.21 -16.66 60.20
C LYS C 127 13.94 -15.25 60.78
N ARG C 128 12.92 -14.58 60.27
CA ARG C 128 12.44 -13.32 60.77
C ARG C 128 11.21 -13.57 61.64
N PRO C 129 10.68 -12.52 62.26
CA PRO C 129 9.45 -12.80 63.08
C PRO C 129 8.24 -13.26 62.27
N TYR C 130 8.09 -12.75 61.05
CA TYR C 130 7.00 -13.11 60.14
C TYR C 130 7.17 -14.49 59.45
N GLY C 131 8.37 -14.80 59.00
CA GLY C 131 8.75 -16.16 58.62
C GLY C 131 10.15 -16.14 58.03
N THR C 132 10.50 -17.14 57.25
CA THR C 132 11.86 -17.23 56.73
C THR C 132 11.99 -16.53 55.37
N GLU C 133 13.01 -15.70 55.21
CA GLU C 133 13.18 -14.80 54.10
C GLU C 133 14.60 -14.98 53.52
N ALA C 134 14.72 -15.06 52.18
CA ALA C 134 16.02 -14.98 51.45
C ALA C 134 15.84 -13.95 50.38
N VAL C 135 16.94 -13.52 49.78
CA VAL C 135 16.92 -12.51 48.70
C VAL C 135 17.85 -12.99 47.58
N PHE C 136 17.38 -13.03 46.32
CA PHE C 136 18.25 -13.48 45.24
C PHE C 136 18.15 -12.49 44.10
N ARG C 137 19.10 -12.59 43.19
CA ARG C 137 19.08 -11.76 41.95
C ARG C 137 18.78 -12.64 40.72
N ASP C 138 18.13 -12.07 39.71
CA ASP C 138 18.06 -12.68 38.40
C ASP C 138 19.36 -12.40 37.62
N ASP C 139 19.42 -12.91 36.40
CA ASP C 139 20.59 -12.75 35.51
C ASP C 139 20.94 -11.29 35.19
N SER C 140 19.95 -10.41 35.01
CA SER C 140 20.22 -9.00 34.78
C SER C 140 20.72 -8.22 35.99
N GLY C 141 20.43 -8.71 37.19
CA GLY C 141 20.68 -7.94 38.46
C GLY C 141 19.44 -7.57 39.32
N ASN C 142 18.22 -7.66 38.76
CA ASN C 142 17.01 -7.43 39.54
C ASN C 142 16.96 -8.38 40.71
N TRP C 143 16.25 -7.99 41.74
CA TRP C 143 16.14 -8.83 42.90
C TRP C 143 14.71 -9.16 43.32
N PHE C 144 14.61 -10.24 44.04
CA PHE C 144 13.40 -10.76 44.57
C PHE C 144 13.62 -11.16 45.98
N SER C 145 12.57 -11.00 46.75
CA SER C 145 12.50 -11.52 48.06
C SER C 145 11.82 -12.86 47.95
N LEU C 146 12.30 -13.84 48.70
CA LEU C 146 11.76 -15.16 48.76
C LEU C 146 11.25 -15.41 50.18
N THR C 147 10.01 -15.80 50.37
CA THR C 147 9.43 -15.86 51.72
C THR C 147 8.47 -16.99 51.86
N ASP C 148 8.32 -17.51 53.08
CA ASP C 148 7.27 -18.46 53.39
C ASP C 148 6.32 -17.93 54.46
N ALA C 149 6.30 -16.62 54.70
CA ALA C 149 5.29 -16.00 55.61
C ALA C 149 3.81 -16.36 55.26
N SER D 18 5.46 -24.97 44.77
CA SER D 18 4.48 -24.00 45.27
C SER D 18 4.64 -22.49 44.88
N ALA D 19 5.62 -22.11 44.05
CA ALA D 19 6.00 -20.67 43.97
C ALA D 19 4.93 -19.77 43.38
N ARG D 20 4.74 -18.56 43.92
CA ARG D 20 3.81 -17.58 43.33
C ARG D 20 4.31 -16.16 43.64
N LEU D 21 4.18 -15.23 42.72
CA LEU D 21 4.43 -13.84 43.01
C LEU D 21 3.29 -13.28 43.88
N SER D 22 3.62 -12.88 45.12
CA SER D 22 2.63 -12.34 46.07
C SER D 22 2.67 -10.85 46.10
N HIS D 23 3.80 -10.24 45.81
CA HIS D 23 3.94 -8.81 45.90
C HIS D 23 4.71 -8.28 44.74
N VAL D 24 4.26 -7.16 44.23
CA VAL D 24 4.91 -6.44 43.13
C VAL D 24 5.36 -5.10 43.68
N THR D 25 6.59 -4.72 43.39
CA THR D 25 7.12 -3.43 43.87
C THR D 25 6.78 -2.33 42.93
N VAL D 26 6.27 -1.24 43.50
CA VAL D 26 5.95 -0.04 42.73
C VAL D 26 6.75 1.12 43.35
N PRO D 27 7.72 1.66 42.62
CA PRO D 27 8.51 2.78 43.16
C PRO D 27 7.68 4.05 43.15
N VAL D 28 7.51 4.68 44.32
CA VAL D 28 6.68 5.93 44.39
C VAL D 28 7.47 7.17 44.87
N LEU D 29 7.21 8.33 44.26
CA LEU D 29 7.74 9.63 44.76
C LEU D 29 7.30 9.95 46.22
N ASP D 30 6.05 9.73 46.57
CA ASP D 30 5.51 10.13 47.87
C ASP D 30 4.47 9.09 48.27
N GLN D 31 4.63 8.46 49.43
CA GLN D 31 3.74 7.41 49.83
C GLN D 31 2.31 7.86 50.15
N ASP D 32 2.13 9.09 50.64
CA ASP D 32 0.80 9.61 50.97
C ASP D 32 0.04 9.89 49.69
N SER D 33 0.69 10.54 48.73
CA SER D 33 0.01 10.81 47.48
C SER D 33 -0.30 9.45 46.71
N ALA D 34 0.64 8.50 46.75
CA ALA D 34 0.42 7.21 46.11
C ALA D 34 -0.74 6.46 46.73
N LYS D 35 -0.85 6.48 48.04
CA LYS D 35 -1.96 5.82 48.71
C LYS D 35 -3.30 6.35 48.24
N GLU D 36 -3.37 7.67 48.10
CA GLU D 36 -4.58 8.32 47.70
C GLU D 36 -4.88 7.93 46.27
N PHE D 37 -3.86 7.91 45.41
CA PHE D 37 -4.09 7.57 44.00
C PHE D 37 -4.65 6.17 43.87
N TYR D 38 -4.02 5.18 44.52
CA TYR D 38 -4.42 3.77 44.34
C TYR D 38 -5.72 3.40 45.03
N THR D 39 -6.01 3.98 46.20
CA THR D 39 -7.23 3.67 47.00
C THR D 39 -8.43 4.56 46.59
N GLU D 40 -8.23 5.84 46.36
CA GLU D 40 -9.34 6.75 46.03
C GLU D 40 -9.60 6.82 44.55
N LYS D 41 -8.58 6.90 43.73
CA LYS D 41 -8.81 6.98 42.32
C LYS D 41 -8.99 5.62 41.65
N LEU D 42 -8.12 4.63 41.90
CA LEU D 42 -8.36 3.27 41.33
C LEU D 42 -9.31 2.42 42.11
N GLY D 43 -9.69 2.79 43.34
CA GLY D 43 -10.55 1.90 44.15
C GLY D 43 -9.89 0.65 44.67
N PHE D 44 -8.56 0.60 44.68
CA PHE D 44 -7.89 -0.58 45.31
C PHE D 44 -8.06 -0.50 46.85
N GLU D 45 -8.03 -1.64 47.49
CA GLU D 45 -8.06 -1.66 48.94
C GLU D 45 -6.66 -1.65 49.57
N VAL D 46 -6.57 -1.11 50.80
CA VAL D 46 -5.35 -1.11 51.58
C VAL D 46 -5.21 -2.51 52.16
N ARG D 47 -4.06 -3.12 51.99
CA ARG D 47 -3.83 -4.43 52.56
C ARG D 47 -2.93 -4.26 53.76
N ASN D 48 -1.95 -3.38 53.70
CA ASN D 48 -1.15 -3.08 54.84
C ASN D 48 -0.77 -1.65 54.84
N ASP D 49 -0.64 -1.11 56.05
CA ASP D 49 -0.07 0.23 56.26
C ASP D 49 0.38 0.30 57.73
N THR D 51 4.30 0.59 60.44
CA THR D 51 5.63 1.11 60.68
C THR D 51 6.26 0.42 61.88
N GLY D 54 10.94 3.36 61.98
CA GLY D 54 10.34 2.06 61.61
C GLY D 54 10.28 1.73 60.11
N LEU D 55 10.13 2.74 59.23
CA LEU D 55 9.90 2.62 57.73
C LEU D 55 8.48 2.11 57.33
N ARG D 56 7.88 2.76 56.32
CA ARG D 56 6.46 2.54 56.01
C ARG D 56 6.16 1.42 54.97
N TRP D 57 5.71 0.29 55.47
CA TRP D 57 5.17 -0.82 54.66
C TRP D 57 3.73 -0.54 54.23
N LEU D 58 3.55 -0.10 52.98
CA LEU D 58 2.25 0.28 52.41
C LEU D 58 1.97 -0.61 51.17
N THR D 59 0.96 -1.47 51.25
CA THR D 59 0.56 -2.33 50.13
C THR D 59 -0.93 -2.23 49.89
N VAL D 60 -1.29 -2.34 48.63
CA VAL D 60 -2.61 -2.16 48.15
C VAL D 60 -2.90 -3.22 47.12
N GLY D 61 -4.18 -3.44 46.87
CA GLY D 61 -4.55 -4.46 45.89
C GLY D 61 -5.97 -4.33 45.41
N PRO D 62 -6.26 -4.79 44.18
CA PRO D 62 -7.64 -4.84 43.75
C PRO D 62 -8.47 -5.78 44.61
N LYS D 63 -9.71 -5.37 44.84
CA LYS D 63 -10.68 -6.20 45.57
C LYS D 63 -10.82 -7.62 45.03
N ASP D 64 -10.85 -7.79 43.71
CA ASP D 64 -11.00 -9.16 43.15
C ASP D 64 -9.73 -9.98 43.18
N GLN D 65 -8.63 -9.43 43.66
CA GLN D 65 -7.36 -10.14 43.60
C GLN D 65 -6.72 -10.24 44.97
N PRO D 66 -7.20 -11.17 45.79
CA PRO D 66 -6.75 -11.26 47.19
C PRO D 66 -5.27 -11.65 47.47
N ASP D 67 -4.63 -12.38 46.56
CA ASP D 67 -3.34 -12.98 46.82
C ASP D 67 -2.17 -12.22 46.14
N VAL D 68 -2.44 -11.08 45.46
CA VAL D 68 -1.38 -10.25 44.92
C VAL D 68 -1.53 -8.84 45.52
N GLU D 69 -0.44 -8.24 45.94
CA GLU D 69 -0.45 -6.90 46.53
C GLU D 69 0.61 -6.12 45.76
N VAL D 71 3.32 -3.18 46.45
CA VAL D 71 4.05 -2.51 47.51
C VAL D 71 4.37 -1.12 47.02
N LEU D 72 3.87 -0.09 47.71
CA LEU D 72 4.22 1.27 47.27
C LEU D 72 5.45 1.69 48.12
N ARG D 73 6.59 1.66 47.47
CA ARG D 73 7.86 1.69 48.10
C ARG D 73 8.46 3.03 47.81
N ARG D 74 8.75 3.76 48.87
CA ARG D 74 9.35 5.10 48.79
C ARG D 74 10.73 5.09 48.18
N VAL D 75 10.89 5.86 47.13
CA VAL D 75 12.18 6.05 46.54
C VAL D 75 12.96 7.12 47.32
N GLY D 76 13.69 6.66 48.32
CA GLY D 76 14.64 7.52 49.03
C GLY D 76 15.40 6.72 50.07
N ALA D 77 16.09 7.44 50.96
CA ALA D 77 16.81 6.79 52.05
C ALA D 77 15.78 6.30 53.08
N PRO D 78 15.99 5.18 53.76
CA PRO D 78 17.19 4.38 53.71
C PRO D 78 17.23 3.22 52.70
N GLU D 79 16.13 2.82 52.05
CA GLU D 79 16.24 1.65 51.15
C GLU D 79 17.25 1.93 50.00
N TYR D 80 17.24 3.14 49.42
CA TYR D 80 18.17 3.57 48.34
C TYR D 80 19.14 4.64 48.87
N ASP D 81 20.13 4.98 48.05
CA ASP D 81 21.23 5.93 48.36
C ASP D 81 21.09 7.21 47.53
N GLU D 82 21.70 8.32 47.95
CA GLU D 82 21.34 9.65 47.41
C GLU D 82 21.26 9.73 45.88
N GLU D 83 22.25 9.18 45.16
CA GLU D 83 22.31 9.35 43.70
C GLU D 83 21.56 8.28 42.86
N THR D 84 21.44 7.07 43.40
CA THR D 84 20.49 6.04 42.94
C THR D 84 19.05 6.59 43.02
N ALA D 85 18.69 7.03 44.22
CA ALA D 85 17.39 7.61 44.51
C ALA D 85 17.11 8.75 43.57
N GLU D 86 18.09 9.65 43.34
CA GLU D 86 17.92 10.73 42.39
C GLU D 86 17.78 10.20 40.95
N GLN D 87 18.58 9.21 40.58
CA GLN D 87 18.44 8.64 39.24
C GLN D 87 17.04 8.04 39.03
N LEU D 88 16.56 7.29 40.02
CA LEU D 88 15.28 6.56 39.91
C LEU D 88 14.08 7.49 39.88
N ARG D 89 14.10 8.54 40.71
CA ARG D 89 13.06 9.58 40.71
C ARG D 89 12.92 10.27 39.39
N ASP D 90 14.05 10.66 38.81
CA ASP D 90 14.00 11.27 37.48
C ASP D 90 13.32 10.30 36.50
N LEU D 91 13.76 9.05 36.49
CA LEU D 91 13.13 8.03 35.61
C LEU D 91 11.64 7.80 35.92
N VAL D 92 11.29 7.76 37.20
CA VAL D 92 9.89 7.55 37.57
C VAL D 92 9.07 8.72 37.05
N ALA D 93 9.44 9.95 37.43
CA ALA D 93 8.71 11.14 36.92
C ALA D 93 8.67 11.23 35.42
N LYS D 94 9.64 10.71 34.70
CA LYS D 94 9.58 10.72 33.21
C LYS D 94 8.70 9.65 32.57
N GLY D 95 8.10 8.76 33.36
CA GLY D 95 7.20 7.72 32.83
C GLY D 95 7.95 6.49 32.33
N VAL D 96 9.08 6.19 32.95
CA VAL D 96 9.95 5.14 32.44
C VAL D 96 9.58 3.73 32.99
N ILE D 97 8.99 3.68 34.19
CA ILE D 97 8.68 2.43 34.85
C ILE D 97 7.22 2.11 34.51
N GLY D 98 7.03 1.19 33.56
CA GLY D 98 5.77 0.56 33.29
C GLY D 98 5.63 -0.57 34.31
N VAL D 99 4.59 -0.52 35.17
CA VAL D 99 4.43 -1.51 36.22
C VAL D 99 3.94 -2.85 35.66
N GLY D 100 3.00 -2.81 34.70
CA GLY D 100 2.33 -4.00 34.23
C GLY D 100 0.99 -3.72 33.57
N VAL D 101 0.12 -4.73 33.56
CA VAL D 101 -1.13 -4.73 32.93
C VAL D 101 -2.23 -5.04 33.93
N LEU D 102 -3.29 -4.26 33.90
CA LEU D 102 -4.51 -4.55 34.62
C LEU D 102 -5.54 -5.04 33.65
N HIS D 103 -6.18 -6.12 33.99
CA HIS D 103 -7.20 -6.67 33.24
C HIS D 103 -8.54 -6.43 33.88
N VAL D 104 -9.50 -6.02 33.06
CA VAL D 104 -10.86 -5.74 33.44
C VAL D 104 -11.85 -6.35 32.46
N ASP D 105 -13.12 -6.36 32.82
CA ASP D 105 -14.20 -6.85 31.96
C ASP D 105 -14.38 -5.96 30.75
N ASP D 106 -14.36 -4.65 30.94
CA ASP D 106 -14.59 -3.71 29.85
C ASP D 106 -13.70 -2.53 30.00
N THR D 107 -12.77 -2.40 29.09
CA THR D 107 -11.84 -1.30 29.09
C THR D 107 -12.52 0.06 29.03
N ARG D 108 -13.58 0.20 28.22
CA ARG D 108 -14.18 1.53 28.10
C ARG D 108 -14.86 1.87 29.40
N ALA D 109 -15.47 0.88 30.08
CA ALA D 109 -16.19 1.17 31.34
C ALA D 109 -15.22 1.62 32.44
N THR D 110 -14.05 0.99 32.48
CA THR D 110 -13.06 1.32 33.46
C THR D 110 -12.40 2.65 33.11
N TYR D 111 -12.21 2.91 31.83
CA TYR D 111 -11.68 4.21 31.43
C TYR D 111 -12.55 5.39 31.90
N GLU D 112 -13.87 5.29 31.77
CA GLU D 112 -14.79 6.33 32.28
C GLU D 112 -14.75 6.45 33.82
N ARG D 113 -14.68 5.34 34.56
CA ARG D 113 -14.61 5.38 36.00
C ARG D 113 -13.33 6.09 36.45
N TYR D 114 -12.18 5.65 35.93
CA TYR D 114 -10.88 6.15 36.31
C TYR D 114 -10.73 7.59 35.88
N ARG D 115 -11.09 7.91 34.64
CA ARG D 115 -11.06 9.32 34.19
C ARG D 115 -11.90 10.23 35.10
N ALA D 116 -13.11 9.82 35.49
CA ALA D 116 -13.93 10.63 36.38
C ALA D 116 -13.37 10.83 37.78
N ALA D 117 -12.65 9.84 38.32
CA ALA D 117 -11.81 10.07 39.52
C ALA D 117 -10.74 10.86 38.80
N GLY D 118 -9.72 11.39 39.35
CA GLY D 118 -8.88 12.14 38.36
C GLY D 118 -7.75 11.46 37.58
N VAL D 119 -7.90 10.22 37.06
CA VAL D 119 -6.73 9.51 36.49
C VAL D 119 -6.34 10.08 35.13
N ILE D 120 -5.08 10.40 34.93
CA ILE D 120 -4.63 10.84 33.62
C ILE D 120 -4.26 9.67 32.68
N PHE D 121 -4.91 9.62 31.53
CA PHE D 121 -4.59 8.65 30.51
C PHE D 121 -3.59 9.20 29.49
N ILE D 122 -2.58 8.39 29.19
CA ILE D 122 -1.62 8.65 28.12
C ILE D 122 -2.19 8.18 26.81
N GLN D 123 -3.03 7.13 26.83
CA GLN D 123 -3.68 6.65 25.63
C GLN D 123 -5.07 6.20 25.99
N GLU D 124 -6.02 6.67 25.24
CA GLU D 124 -7.42 6.46 25.49
C GLU D 124 -7.72 5.10 24.86
N PRO D 125 -8.86 4.50 25.20
CA PRO D 125 -9.20 3.16 24.68
C PRO D 125 -9.11 3.04 23.17
N VAL D 126 -8.45 2.02 22.69
CA VAL D 126 -8.33 1.76 21.27
C VAL D 126 -8.51 0.30 21.10
N LYS D 127 -9.40 -0.08 20.20
CA LYS D 127 -9.58 -1.46 19.89
C LYS D 127 -8.39 -2.02 19.09
N ARG D 128 -7.65 -2.93 19.68
CA ARG D 128 -6.61 -3.67 19.00
C ARG D 128 -7.16 -5.05 18.59
N PRO D 129 -6.36 -5.88 17.91
CA PRO D 129 -6.93 -7.19 17.50
C PRO D 129 -7.21 -8.11 18.66
N TYR D 130 -6.31 -8.10 19.66
CA TYR D 130 -6.45 -8.86 20.92
C TYR D 130 -7.57 -8.40 21.89
N GLY D 131 -7.83 -7.10 21.90
CA GLY D 131 -8.94 -6.49 22.63
C GLY D 131 -8.72 -4.98 22.72
N THR D 132 -9.46 -4.31 23.56
CA THR D 132 -9.38 -2.87 23.71
C THR D 132 -8.39 -2.53 24.84
N GLU D 133 -7.57 -1.55 24.62
CA GLU D 133 -6.41 -1.29 25.45
C GLU D 133 -6.31 0.21 25.69
N ALA D 134 -5.95 0.60 26.92
CA ALA D 134 -5.68 2.01 27.27
C ALA D 134 -4.41 2.04 28.10
N VAL D 135 -3.89 3.23 28.32
CA VAL D 135 -2.67 3.42 29.13
C VAL D 135 -2.83 4.62 30.05
N PHE D 136 -2.57 4.49 31.34
CA PHE D 136 -2.70 5.64 32.24
C PHE D 136 -1.45 5.69 33.09
N ARG D 137 -1.24 6.81 33.74
CA ARG D 137 -0.12 6.99 34.71
C ARG D 137 -0.64 7.09 36.16
N ASP D 138 0.12 6.61 37.13
CA ASP D 138 -0.20 6.89 38.51
C ASP D 138 0.26 8.34 38.88
N ASP D 139 0.09 8.73 40.13
CA ASP D 139 0.52 10.07 40.61
C ASP D 139 2.04 10.32 40.52
N SER D 140 2.86 9.30 40.70
CA SER D 140 4.30 9.45 40.52
C SER D 140 4.75 9.58 39.06
N GLY D 141 3.93 9.15 38.11
CA GLY D 141 4.37 9.00 36.71
C GLY D 141 4.57 7.56 36.17
N ASN D 142 4.58 6.53 37.01
CA ASN D 142 4.56 5.15 36.53
C ASN D 142 3.32 4.90 35.68
N TRP D 143 3.44 4.00 34.73
CA TRP D 143 2.33 3.67 33.86
C TRP D 143 1.85 2.21 33.90
N PHE D 144 0.62 2.04 33.50
CA PHE D 144 -0.03 0.77 33.42
C PHE D 144 -0.78 0.69 32.15
N SER D 145 -0.85 -0.51 31.63
CA SER D 145 -1.69 -0.83 30.54
C SER D 145 -2.99 -1.40 31.10
N LEU D 146 -4.11 -1.03 30.48
CA LEU D 146 -5.45 -1.44 30.89
C LEU D 146 -6.05 -2.22 29.74
N THR D 147 -6.53 -3.43 29.95
CA THR D 147 -6.99 -4.25 28.84
C THR D 147 -8.11 -5.12 29.23
N ASP D 148 -8.90 -5.53 28.24
CA ASP D 148 -9.96 -6.51 28.40
C ASP D 148 -9.65 -7.68 27.47
N ALA D 149 -10.51 -8.66 27.33
CA ALA D 149 -10.09 -9.95 26.54
C ALA D 149 -11.15 -11.05 26.42
N ALA E 19 -11.38 22.02 -39.61
CA ALA E 19 -11.41 20.55 -39.41
C ALA E 19 -12.80 19.91 -39.56
N ARG E 20 -12.87 18.74 -40.18
CA ARG E 20 -14.10 17.95 -40.21
C ARG E 20 -13.90 16.45 -40.37
N LEU E 21 -14.89 15.69 -39.91
CA LEU E 21 -14.81 14.26 -39.95
C LEU E 21 -15.35 13.86 -41.30
N SER E 22 -14.49 13.43 -42.21
CA SER E 22 -14.91 13.03 -43.56
C SER E 22 -15.20 11.56 -43.72
N HIS E 23 -14.56 10.71 -42.93
CA HIS E 23 -14.79 9.27 -43.07
C HIS E 23 -15.09 8.66 -41.67
N VAL E 24 -15.96 7.69 -41.67
CA VAL E 24 -16.27 6.93 -40.54
C VAL E 24 -15.98 5.46 -40.87
N THR E 25 -15.19 4.83 -39.98
CA THR E 25 -14.80 3.43 -40.12
C THR E 25 -15.85 2.54 -39.60
N VAL E 26 -16.31 1.61 -40.45
CA VAL E 26 -17.25 0.56 -40.11
C VAL E 26 -16.54 -0.82 -40.31
N PRO E 27 -16.24 -1.54 -39.20
CA PRO E 27 -15.58 -2.87 -39.30
C PRO E 27 -16.54 -3.92 -39.82
N VAL E 28 -16.27 -4.42 -40.99
CA VAL E 28 -17.10 -5.44 -41.61
C VAL E 28 -16.44 -6.84 -41.68
N LEU E 29 -17.27 -7.88 -41.71
CA LEU E 29 -16.83 -9.28 -41.74
C LEU E 29 -16.41 -9.72 -43.14
N ASP E 30 -17.21 -9.35 -44.12
CA ASP E 30 -16.92 -9.54 -45.51
C ASP E 30 -17.38 -8.28 -46.28
N GLN E 31 -16.50 -7.75 -47.13
CA GLN E 31 -16.72 -6.50 -47.81
C GLN E 31 -17.82 -6.55 -48.88
N ASP E 32 -17.83 -7.59 -49.73
CA ASP E 32 -18.88 -7.71 -50.79
C ASP E 32 -20.30 -7.83 -50.18
N SER E 33 -20.40 -8.57 -49.08
CA SER E 33 -21.66 -8.67 -48.36
C SER E 33 -22.05 -7.28 -47.82
N ALA E 34 -21.09 -6.56 -47.23
CA ALA E 34 -21.38 -5.21 -46.74
C ALA E 34 -21.75 -4.24 -47.84
N LYS E 35 -21.11 -4.35 -48.99
CA LYS E 35 -21.46 -3.47 -50.12
C LYS E 35 -22.88 -3.68 -50.65
N GLU E 36 -23.35 -4.93 -50.69
CA GLU E 36 -24.74 -5.22 -51.04
C GLU E 36 -25.69 -4.62 -50.02
N PHE E 37 -25.43 -4.87 -48.74
CA PHE E 37 -26.33 -4.39 -47.71
C PHE E 37 -26.49 -2.87 -47.74
N TYR E 38 -25.38 -2.13 -47.80
CA TYR E 38 -25.44 -0.70 -47.65
C TYR E 38 -26.01 -0.07 -48.89
N THR E 39 -25.69 -0.60 -50.06
CA THR E 39 -26.22 -0.04 -51.31
C THR E 39 -27.62 -0.56 -51.68
N GLU E 40 -27.89 -1.84 -51.45
CA GLU E 40 -29.16 -2.45 -51.89
C GLU E 40 -30.26 -2.34 -50.85
N LYS E 41 -29.96 -2.55 -49.57
CA LYS E 41 -30.99 -2.37 -48.53
C LYS E 41 -31.17 -0.90 -48.12
N LEU E 42 -30.09 -0.24 -47.70
CA LEU E 42 -30.18 1.15 -47.28
C LEU E 42 -30.18 2.19 -48.41
N GLY E 43 -29.88 1.81 -49.65
CA GLY E 43 -29.82 2.78 -50.74
C GLY E 43 -28.67 3.79 -50.64
N PHE E 44 -27.55 3.42 -49.98
CA PHE E 44 -26.36 4.30 -50.02
C PHE E 44 -25.74 4.16 -51.39
N GLU E 45 -25.05 5.18 -51.84
CA GLU E 45 -24.26 5.13 -53.05
C GLU E 45 -22.76 4.77 -52.79
N VAL E 46 -22.16 4.10 -53.75
CA VAL E 46 -20.75 3.73 -53.68
C VAL E 46 -19.91 4.98 -53.99
N ARG E 47 -19.10 5.44 -53.08
CA ARG E 47 -18.25 6.59 -53.38
C ARG E 47 -16.82 6.19 -53.88
N ASN E 48 -16.41 4.96 -53.63
CA ASN E 48 -15.04 4.51 -53.91
C ASN E 48 -15.02 3.01 -53.80
N ASP E 49 -14.40 2.36 -54.79
CA ASP E 49 -14.11 0.94 -54.69
C ASP E 49 -12.91 0.63 -55.57
N THR E 51 -8.59 -1.21 -55.32
CA THR E 51 -7.56 -1.92 -54.58
C THR E 51 -6.14 -1.33 -54.73
N GLY E 53 -2.16 -2.89 -53.16
CA GLY E 53 -1.70 -4.14 -52.56
C GLY E 53 -2.77 -5.16 -52.89
N GLY E 54 -3.07 -6.01 -51.93
CA GLY E 54 -4.34 -6.78 -51.91
C GLY E 54 -5.38 -6.21 -50.94
N LEU E 55 -5.34 -4.89 -50.66
CA LEU E 55 -6.29 -4.21 -49.74
C LEU E 55 -7.36 -3.32 -50.45
N ARG E 56 -8.63 -3.61 -50.21
CA ARG E 56 -9.73 -2.92 -50.86
C ARG E 56 -10.26 -1.65 -50.10
N TRP E 57 -10.07 -0.49 -50.69
CA TRP E 57 -10.63 0.77 -50.20
C TRP E 57 -12.04 0.87 -50.73
N LEU E 58 -13.02 0.57 -49.89
CA LEU E 58 -14.43 0.59 -50.25
C LEU E 58 -15.20 1.57 -49.35
N THR E 59 -15.79 2.59 -49.96
CA THR E 59 -16.60 3.52 -49.24
C THR E 59 -17.92 3.77 -49.90
N VAL E 60 -18.87 4.04 -49.02
CA VAL E 60 -20.27 4.23 -49.34
C VAL E 60 -20.76 5.43 -48.54
N GLY E 61 -21.92 5.97 -48.93
CA GLY E 61 -22.61 6.93 -48.09
C GLY E 61 -24.00 7.34 -48.58
N PRO E 62 -24.77 8.03 -47.71
CA PRO E 62 -26.13 8.48 -48.09
C PRO E 62 -26.09 9.41 -49.30
N LYS E 63 -27.11 9.31 -50.15
CA LYS E 63 -27.18 10.09 -51.43
C LYS E 63 -27.08 11.61 -51.24
N ASP E 64 -27.75 12.10 -50.22
CA ASP E 64 -27.81 13.51 -49.98
C ASP E 64 -26.68 14.02 -49.07
N GLN E 65 -25.65 13.20 -48.82
CA GLN E 65 -24.60 13.60 -47.90
C GLN E 65 -23.25 13.41 -48.59
N PRO E 66 -22.96 14.23 -49.58
CA PRO E 66 -21.75 14.02 -50.38
C PRO E 66 -20.43 14.14 -49.58
N ASP E 67 -20.41 14.86 -48.46
CA ASP E 67 -19.20 15.16 -47.67
C ASP E 67 -18.78 14.09 -46.62
N VAL E 68 -19.56 13.04 -46.44
CA VAL E 68 -19.20 12.00 -45.46
C VAL E 68 -19.30 10.66 -46.14
N GLU E 69 -18.25 9.86 -45.96
CA GLU E 69 -18.11 8.51 -46.48
C GLU E 69 -18.07 7.53 -45.32
N VAL E 71 -16.32 4.03 -44.54
CA VAL E 71 -15.31 3.07 -44.99
C VAL E 71 -15.64 1.66 -44.46
N LEU E 72 -15.89 0.73 -45.36
CA LEU E 72 -16.23 -0.62 -45.02
C LEU E 72 -14.92 -1.37 -44.93
N ARG E 73 -14.38 -1.46 -43.74
CA ARG E 73 -13.02 -1.96 -43.51
C ARG E 73 -13.08 -3.42 -43.13
N ARG E 74 -12.42 -4.28 -43.90
CA ARG E 74 -12.33 -5.72 -43.54
C ARG E 74 -11.56 -5.88 -42.23
N VAL E 75 -12.12 -6.64 -41.31
CA VAL E 75 -11.42 -7.03 -40.08
C VAL E 75 -10.63 -8.29 -40.45
N GLY E 76 -9.33 -8.17 -40.44
CA GLY E 76 -8.49 -9.18 -41.04
C GLY E 76 -7.12 -8.59 -41.21
N ALA E 77 -6.14 -9.43 -41.54
CA ALA E 77 -4.75 -8.98 -41.65
C ALA E 77 -4.58 -8.48 -43.08
N PRO E 78 -3.68 -7.53 -43.35
CA PRO E 78 -2.88 -6.77 -42.36
C PRO E 78 -3.72 -5.66 -41.66
N GLU E 79 -3.10 -4.70 -40.99
CA GLU E 79 -3.79 -3.69 -40.13
C GLU E 79 -4.06 -4.34 -38.79
N TYR E 80 -4.89 -5.38 -38.80
CA TYR E 80 -5.15 -6.15 -37.61
C TYR E 80 -4.24 -7.40 -37.68
N ASP E 81 -3.50 -7.64 -36.60
CA ASP E 81 -2.88 -8.97 -36.41
C ASP E 81 -4.00 -10.01 -36.20
N GLU E 82 -3.75 -11.27 -36.60
CA GLU E 82 -4.72 -12.39 -36.53
C GLU E 82 -5.44 -12.61 -35.19
N GLU E 83 -4.80 -12.28 -34.07
CA GLU E 83 -5.43 -12.47 -32.75
C GLU E 83 -6.47 -11.36 -32.45
N THR E 84 -6.07 -10.09 -32.66
CA THR E 84 -6.97 -8.95 -32.49
C THR E 84 -8.14 -9.12 -33.43
N ALA E 85 -7.84 -9.47 -34.68
CA ALA E 85 -8.87 -9.63 -35.66
C ALA E 85 -9.97 -10.61 -35.19
N GLU E 86 -9.60 -11.77 -34.64
CA GLU E 86 -10.62 -12.77 -34.16
C GLU E 86 -11.44 -12.20 -32.98
N GLN E 87 -10.81 -11.50 -32.06
CA GLN E 87 -11.55 -10.93 -30.94
C GLN E 87 -12.58 -9.86 -31.40
N LEU E 88 -12.19 -9.04 -32.38
CA LEU E 88 -13.07 -8.00 -32.88
C LEU E 88 -14.17 -8.64 -33.74
N ARG E 89 -13.86 -9.70 -34.48
CA ARG E 89 -14.91 -10.40 -35.27
C ARG E 89 -15.99 -10.97 -34.37
N ASP E 90 -15.58 -11.47 -33.19
CA ASP E 90 -16.52 -12.00 -32.15
C ASP E 90 -17.46 -10.87 -31.70
N LEU E 91 -16.88 -9.73 -31.30
CA LEU E 91 -17.70 -8.57 -30.89
C LEU E 91 -18.55 -8.02 -32.04
N VAL E 92 -17.97 -7.87 -33.23
CA VAL E 92 -18.80 -7.39 -34.34
C VAL E 92 -20.00 -8.30 -34.48
N ALA E 93 -19.76 -9.60 -34.64
CA ALA E 93 -20.86 -10.58 -34.81
C ALA E 93 -21.90 -10.56 -33.70
N LYS E 94 -21.52 -10.29 -32.47
CA LYS E 94 -22.48 -10.13 -31.35
C LYS E 94 -23.22 -8.76 -31.24
N GLY E 95 -23.08 -7.83 -32.20
CA GLY E 95 -23.82 -6.54 -32.12
C GLY E 95 -23.35 -5.60 -31.02
N VAL E 96 -22.06 -5.65 -30.75
CA VAL E 96 -21.46 -4.81 -29.72
C VAL E 96 -21.04 -3.45 -30.28
N ILE E 97 -20.82 -3.37 -31.60
CA ILE E 97 -20.26 -2.17 -32.25
C ILE E 97 -21.38 -1.35 -32.84
N GLY E 98 -21.65 -0.23 -32.19
CA GLY E 98 -22.63 0.80 -32.67
C GLY E 98 -21.89 1.76 -33.56
N VAL E 99 -22.30 1.84 -34.81
CA VAL E 99 -21.61 2.73 -35.77
C VAL E 99 -21.99 4.19 -35.54
N GLY E 100 -23.29 4.44 -35.43
CA GLY E 100 -23.73 5.82 -35.33
C GLY E 100 -25.22 6.00 -35.36
N VAL E 101 -25.64 7.19 -35.76
CA VAL E 101 -27.06 7.57 -35.78
C VAL E 101 -27.42 8.09 -37.18
N LEU E 102 -28.37 7.45 -37.82
CA LEU E 102 -29.01 7.96 -39.00
C LEU E 102 -30.24 8.81 -38.58
N HIS E 103 -30.33 10.03 -39.10
CA HIS E 103 -31.45 10.94 -38.87
C HIS E 103 -32.37 10.97 -40.06
N VAL E 104 -33.64 10.74 -39.83
CA VAL E 104 -34.67 10.83 -40.89
C VAL E 104 -35.84 11.74 -40.49
N ASP E 105 -36.70 12.02 -41.46
CA ASP E 105 -37.90 12.81 -41.21
C ASP E 105 -38.88 12.05 -40.32
N ASP E 106 -39.11 10.77 -40.66
CA ASP E 106 -40.02 9.88 -39.94
C ASP E 106 -39.48 8.42 -39.72
N THR E 107 -39.07 8.14 -38.46
CA THR E 107 -38.51 6.83 -38.06
C THR E 107 -39.46 5.68 -38.42
N ARG E 108 -40.76 5.86 -38.13
CA ARG E 108 -41.80 4.82 -38.45
C ARG E 108 -41.99 4.51 -39.93
N ALA E 109 -41.93 5.48 -40.82
CA ALA E 109 -41.96 5.18 -42.27
C ALA E 109 -40.66 4.54 -42.74
N THR E 110 -39.52 5.04 -42.24
CA THR E 110 -38.23 4.52 -42.69
C THR E 110 -38.06 3.09 -42.19
N TYR E 111 -38.43 2.84 -40.93
CA TYR E 111 -38.49 1.47 -40.38
C TYR E 111 -39.20 0.50 -41.32
N GLU E 112 -40.32 0.97 -41.88
CA GLU E 112 -41.15 0.21 -42.84
C GLU E 112 -40.45 -0.02 -44.18
N ARG E 113 -40.01 1.06 -44.84
CA ARG E 113 -39.21 0.98 -46.08
C ARG E 113 -38.03 0.02 -45.96
N TYR E 114 -37.38 0.05 -44.79
CA TYR E 114 -36.15 -0.72 -44.54
C TYR E 114 -36.46 -2.18 -44.28
N ARG E 115 -37.53 -2.47 -43.52
CA ARG E 115 -38.06 -3.86 -43.46
C ARG E 115 -38.44 -4.46 -44.84
N ALA E 116 -38.86 -3.63 -45.78
CA ALA E 116 -39.20 -4.07 -47.17
C ALA E 116 -38.06 -4.83 -47.81
N ALA E 117 -36.87 -4.24 -47.89
CA ALA E 117 -35.66 -5.03 -48.14
C ALA E 117 -35.31 -5.72 -46.83
N GLY E 118 -34.33 -6.59 -46.81
CA GLY E 118 -34.11 -7.39 -45.61
C GLY E 118 -33.53 -6.78 -44.33
N VAL E 119 -33.85 -5.54 -44.00
CA VAL E 119 -33.20 -4.92 -42.82
C VAL E 119 -33.77 -5.44 -41.52
N ILE E 120 -32.92 -6.02 -40.67
CA ILE E 120 -33.32 -6.55 -39.36
C ILE E 120 -33.23 -5.50 -38.25
N PHE E 121 -34.35 -5.21 -37.61
CA PHE E 121 -34.34 -4.29 -36.51
C PHE E 121 -34.27 -5.11 -35.29
N ILE E 122 -33.56 -4.61 -34.31
CA ILE E 122 -33.49 -5.22 -33.01
C ILE E 122 -34.16 -4.39 -31.91
N GLN E 123 -34.59 -3.18 -32.26
CA GLN E 123 -35.48 -2.38 -31.42
C GLN E 123 -36.41 -1.69 -32.39
N GLU E 124 -37.70 -1.85 -32.16
CA GLU E 124 -38.72 -1.21 -32.99
C GLU E 124 -38.81 0.27 -32.61
N PRO E 125 -39.53 1.09 -33.41
CA PRO E 125 -39.76 2.51 -33.09
C PRO E 125 -40.18 2.77 -31.64
N VAL E 126 -39.47 3.65 -30.92
CA VAL E 126 -39.80 3.98 -29.51
C VAL E 126 -39.69 5.48 -29.19
N LYS E 127 -40.78 6.07 -28.68
CA LYS E 127 -40.78 7.47 -28.24
C LYS E 127 -39.76 7.69 -27.13
N ARG E 128 -38.85 8.62 -27.36
CA ARG E 128 -37.79 8.95 -26.42
C ARG E 128 -37.88 10.44 -26.16
N PRO E 129 -37.22 10.97 -25.15
CA PRO E 129 -37.38 12.40 -24.90
C PRO E 129 -37.07 13.41 -26.05
N TYR E 130 -36.25 12.94 -27.01
N TYR E 130 -36.25 13.06 -27.05
CA TYR E 130 -35.70 13.72 -28.11
CA TYR E 130 -36.04 13.99 -28.16
C TYR E 130 -36.35 13.45 -29.47
C TYR E 130 -36.17 13.35 -29.54
N GLY E 131 -36.98 12.30 -29.63
CA GLY E 131 -37.48 11.92 -30.95
C GLY E 131 -37.86 10.50 -30.75
N THR E 132 -38.26 9.83 -31.81
CA THR E 132 -38.51 8.43 -31.76
C THR E 132 -37.29 7.71 -32.36
N GLU E 133 -36.82 6.65 -31.70
CA GLU E 133 -35.56 5.97 -32.02
C GLU E 133 -35.89 4.55 -32.38
N ALA E 134 -35.34 4.05 -33.49
CA ALA E 134 -35.28 2.60 -33.80
C ALA E 134 -33.81 2.18 -33.82
N VAL E 135 -33.56 0.88 -33.76
CA VAL E 135 -32.17 0.37 -33.81
C VAL E 135 -32.14 -0.77 -34.77
N PHE E 136 -31.27 -0.69 -35.78
CA PHE E 136 -31.11 -1.82 -36.73
C PHE E 136 -29.66 -2.29 -36.81
N ARG E 137 -29.47 -3.44 -37.44
CA ARG E 137 -28.13 -3.98 -37.62
C ARG E 137 -27.85 -4.18 -39.10
N ASP E 138 -26.58 -4.01 -39.47
CA ASP E 138 -26.12 -4.31 -40.84
C ASP E 138 -25.85 -5.82 -40.96
N ASP E 139 -25.36 -6.26 -42.11
CA ASP E 139 -25.07 -7.70 -42.39
C ASP E 139 -23.96 -8.30 -41.52
N SER E 140 -22.96 -7.53 -41.13
CA SER E 140 -21.98 -8.03 -40.14
C SER E 140 -22.51 -8.16 -38.75
N GLY E 141 -23.49 -7.32 -38.37
CA GLY E 141 -23.96 -7.21 -36.99
C GLY E 141 -23.73 -5.88 -36.29
N ASN E 142 -23.05 -4.91 -36.94
CA ASN E 142 -22.93 -3.57 -36.37
C ASN E 142 -24.33 -2.91 -36.29
N TRP E 143 -24.55 -2.07 -35.29
CA TRP E 143 -25.87 -1.44 -35.18
C TRP E 143 -25.86 0.09 -35.42
N PHE E 144 -26.98 0.58 -35.92
CA PHE E 144 -27.31 2.00 -36.07
C PHE E 144 -28.61 2.37 -35.33
N SER E 145 -28.62 3.52 -34.64
CA SER E 145 -29.87 4.21 -34.27
C SER E 145 -30.47 4.93 -35.50
N LEU E 146 -31.77 4.86 -35.64
CA LEU E 146 -32.53 5.61 -36.60
C LEU E 146 -33.43 6.57 -35.79
N THR E 147 -33.19 7.87 -35.87
CA THR E 147 -33.90 8.84 -35.07
C THR E 147 -34.67 9.87 -35.91
N ASP E 148 -35.62 10.46 -35.19
CA ASP E 148 -36.61 11.45 -35.60
C ASP E 148 -36.52 12.68 -34.75
N ALA E 149 -37.35 13.66 -35.11
CA ALA E 149 -37.73 14.78 -34.24
C ALA E 149 -39.24 14.77 -33.98
N ARG E 150 -39.80 13.58 -33.72
CA ARG E 150 -41.25 13.33 -33.63
C ARG E 150 -41.69 12.66 -32.34
N GLY E 151 -42.97 12.87 -31.97
CA GLY E 151 -43.61 12.20 -30.82
C GLY E 151 -44.68 11.18 -31.29
N SER F 18 27.62 0.68 10.95
CA SER F 18 26.29 1.27 11.27
C SER F 18 25.54 1.69 9.98
N ALA F 19 25.40 0.76 9.06
CA ALA F 19 24.62 1.00 7.82
C ALA F 19 23.11 1.20 8.11
N ARG F 20 22.50 2.15 7.45
CA ARG F 20 21.07 2.30 7.53
C ARG F 20 20.44 2.63 6.16
N LEU F 21 19.17 2.23 5.98
CA LEU F 21 18.46 2.47 4.79
C LEU F 21 17.91 3.84 4.83
N SER F 22 18.36 4.68 3.89
CA SER F 22 17.86 6.03 3.69
C SER F 22 16.82 6.17 2.61
N HIS F 23 16.84 5.32 1.60
CA HIS F 23 15.89 5.46 0.47
C HIS F 23 15.50 4.14 -0.10
N VAL F 24 14.31 4.15 -0.65
CA VAL F 24 13.73 3.03 -1.26
C VAL F 24 13.43 3.45 -2.71
N THR F 25 13.81 2.60 -3.65
CA THR F 25 13.65 2.87 -5.08
C THR F 25 12.28 2.40 -5.50
N VAL F 26 11.56 3.32 -6.14
CA VAL F 26 10.23 3.10 -6.68
C VAL F 26 10.37 3.34 -8.22
N PRO F 27 10.20 2.31 -9.05
CA PRO F 27 10.19 2.52 -10.56
C PRO F 27 8.90 3.17 -10.99
N VAL F 28 8.98 4.34 -11.59
CA VAL F 28 7.81 5.05 -12.07
C VAL F 28 7.84 5.17 -13.62
N LEU F 29 6.68 5.36 -14.23
CA LEU F 29 6.56 5.43 -15.66
C LEU F 29 6.81 6.82 -16.14
N ASP F 30 6.34 7.83 -15.39
CA ASP F 30 6.57 9.27 -15.67
C ASP F 30 6.81 10.08 -14.34
N GLN F 31 7.97 10.72 -14.20
CA GLN F 31 8.33 11.44 -13.01
C GLN F 31 7.45 12.62 -12.66
N ASP F 32 7.05 13.43 -13.61
CA ASP F 32 6.10 14.49 -13.33
C ASP F 32 4.75 13.98 -12.79
N SER F 33 4.25 12.91 -13.37
CA SER F 33 3.02 12.29 -12.96
C SER F 33 3.17 11.70 -11.51
N ALA F 34 4.23 10.97 -11.25
CA ALA F 34 4.53 10.44 -9.92
C ALA F 34 4.65 11.55 -8.91
N LYS F 35 5.42 12.60 -9.23
CA LYS F 35 5.60 13.70 -8.32
C LYS F 35 4.25 14.26 -7.88
N GLU F 36 3.35 14.46 -8.83
CA GLU F 36 1.99 14.91 -8.55
C GLU F 36 1.18 13.92 -7.67
N PHE F 37 1.20 12.64 -8.01
CA PHE F 37 0.50 11.62 -7.22
C PHE F 37 0.99 11.58 -5.75
N TYR F 38 2.29 11.47 -5.57
CA TYR F 38 2.86 11.36 -4.24
C TYR F 38 2.60 12.59 -3.40
N THR F 39 2.69 13.79 -3.98
CA THR F 39 2.54 14.99 -3.19
C THR F 39 1.08 15.43 -3.06
N GLU F 40 0.29 15.43 -4.12
CA GLU F 40 -1.08 15.92 -4.02
C GLU F 40 -2.07 14.84 -3.51
N LYS F 41 -1.90 13.60 -3.92
CA LYS F 41 -2.83 12.55 -3.52
C LYS F 41 -2.44 11.93 -2.21
N LEU F 42 -1.17 11.58 -2.00
CA LEU F 42 -0.80 11.00 -0.73
C LEU F 42 -0.38 12.03 0.31
N GLY F 43 -0.26 13.30 -0.05
CA GLY F 43 0.19 14.33 0.93
C GLY F 43 1.65 14.19 1.33
N PHE F 44 2.44 13.39 0.62
CA PHE F 44 3.86 13.38 0.92
C PHE F 44 4.49 14.71 0.49
N GLU F 45 5.68 14.99 0.99
CA GLU F 45 6.39 16.20 0.59
C GLU F 45 7.62 15.86 -0.21
N VAL F 46 7.97 16.81 -1.06
CA VAL F 46 9.15 16.72 -1.91
C VAL F 46 10.34 16.98 -1.00
N ARG F 47 11.24 16.02 -0.90
CA ARG F 47 12.49 16.12 -0.16
C ARG F 47 13.69 16.49 -1.06
N ASN F 48 13.68 16.06 -2.33
CA ASN F 48 14.68 16.49 -3.30
C ASN F 48 14.07 16.52 -4.65
N ASP F 49 14.42 17.55 -5.42
CA ASP F 49 14.15 17.55 -6.84
C ASP F 49 15.25 18.33 -7.60
N THR F 51 18.55 17.74 -10.80
CA THR F 51 19.07 16.95 -11.90
C THR F 51 20.60 17.08 -11.98
N GLY F 53 23.73 15.37 -14.48
CA GLY F 53 24.07 14.54 -15.65
C GLY F 53 22.87 13.86 -16.33
N GLY F 54 21.77 14.57 -16.47
CA GLY F 54 20.54 13.95 -17.07
C GLY F 54 19.63 13.11 -16.16
N LEU F 55 20.12 12.72 -14.97
CA LEU F 55 19.34 11.94 -13.99
C LEU F 55 18.59 12.90 -13.06
N ARG F 56 17.27 12.88 -13.12
CA ARG F 56 16.46 13.59 -12.16
C ARG F 56 16.37 12.77 -10.84
N TRP F 57 16.92 13.31 -9.76
CA TRP F 57 16.91 12.74 -8.43
C TRP F 57 15.73 13.40 -7.74
N LEU F 58 14.60 12.69 -7.81
CA LEU F 58 13.31 13.13 -7.26
C LEU F 58 12.93 12.21 -6.07
N THR F 59 12.97 12.78 -4.84
CA THR F 59 12.64 12.02 -3.63
C THR F 59 11.56 12.65 -2.83
N VAL F 60 10.71 11.78 -2.28
CA VAL F 60 9.56 12.11 -1.49
C VAL F 60 9.48 11.26 -0.20
N GLY F 61 8.77 11.79 0.79
CA GLY F 61 8.58 11.09 2.07
C GLY F 61 7.36 11.64 2.82
N PRO F 62 6.78 10.85 3.71
CA PRO F 62 5.66 11.42 4.51
C PRO F 62 6.21 12.51 5.48
N LYS F 63 5.40 13.53 5.76
CA LYS F 63 5.71 14.67 6.69
C LYS F 63 6.43 14.39 8.02
N ASP F 64 6.28 13.20 8.59
CA ASP F 64 6.85 12.87 9.90
C ASP F 64 8.23 12.24 9.74
N GLN F 65 8.30 11.15 8.98
CA GLN F 65 9.48 10.29 8.88
C GLN F 65 10.59 10.94 8.07
N PRO F 66 11.64 11.44 8.74
CA PRO F 66 12.73 11.97 7.95
C PRO F 66 13.70 10.88 7.49
N ASP F 67 13.80 9.77 8.21
CA ASP F 67 14.91 8.82 7.97
C ASP F 67 14.85 8.06 6.63
N VAL F 68 13.65 7.87 6.06
CA VAL F 68 13.45 7.06 4.86
C VAL F 68 12.66 7.84 3.78
N GLU F 69 13.32 8.05 2.63
CA GLU F 69 12.66 8.62 1.45
C GLU F 69 12.36 7.56 0.40
N VAL F 71 12.59 7.23 -3.67
CA VAL F 71 13.17 7.71 -4.91
C VAL F 71 12.27 7.36 -6.13
N LEU F 72 11.72 8.36 -6.79
CA LEU F 72 10.86 8.15 -7.91
C LEU F 72 11.73 8.07 -9.18
N ARG F 73 12.11 6.85 -9.55
CA ARG F 73 13.13 6.56 -10.52
C ARG F 73 12.52 6.26 -11.90
N ARG F 74 12.99 7.03 -12.89
CA ARG F 74 12.54 6.94 -14.26
C ARG F 74 12.92 5.58 -14.83
N VAL F 75 11.98 4.95 -15.51
CA VAL F 75 12.35 3.69 -16.19
C VAL F 75 12.45 3.99 -17.70
N GLY F 76 13.69 4.08 -18.15
CA GLY F 76 14.05 4.44 -19.52
C GLY F 76 15.57 4.56 -19.69
N ALA F 77 15.97 4.87 -20.92
CA ALA F 77 17.36 5.13 -21.25
C ALA F 77 17.91 6.34 -20.43
N PRO F 78 19.15 6.32 -19.97
CA PRO F 78 20.15 5.27 -20.19
C PRO F 78 20.24 4.20 -19.11
N GLU F 79 19.74 4.47 -17.89
CA GLU F 79 19.98 3.53 -16.79
C GLU F 79 19.35 2.19 -17.02
N TYR F 80 18.34 2.14 -17.89
CA TYR F 80 17.79 0.86 -18.32
C TYR F 80 18.03 0.70 -19.81
N ASP F 81 18.67 -0.42 -20.15
CA ASP F 81 18.63 -0.97 -21.49
C ASP F 81 17.18 -0.95 -22.05
N GLU F 82 17.07 -0.75 -23.37
CA GLU F 82 15.80 -0.44 -24.06
C GLU F 82 14.78 -1.60 -24.00
N GLU F 83 15.30 -2.82 -24.05
CA GLU F 83 14.48 -4.00 -23.95
C GLU F 83 14.06 -4.22 -22.49
N THR F 84 15.03 -4.15 -21.59
CA THR F 84 14.81 -4.18 -20.14
C THR F 84 13.72 -3.16 -19.69
N ALA F 85 13.87 -1.92 -20.14
CA ALA F 85 12.88 -0.90 -19.91
C ALA F 85 11.48 -1.39 -20.24
N GLU F 86 11.26 -1.81 -21.48
CA GLU F 86 9.91 -2.25 -21.90
C GLU F 86 9.33 -3.34 -20.98
N GLN F 87 10.17 -4.28 -20.58
CA GLN F 87 9.78 -5.34 -19.70
C GLN F 87 9.47 -4.85 -18.26
N LEU F 88 10.31 -3.99 -17.68
CA LEU F 88 10.00 -3.39 -16.38
C LEU F 88 8.75 -2.53 -16.46
N ARG F 89 8.65 -1.70 -17.50
CA ARG F 89 7.55 -0.77 -17.63
C ARG F 89 6.20 -1.52 -17.74
N ASP F 90 6.24 -2.68 -18.38
CA ASP F 90 5.13 -3.60 -18.47
C ASP F 90 4.77 -4.29 -17.15
N LEU F 91 5.76 -4.80 -16.41
CA LEU F 91 5.49 -5.32 -15.03
C LEU F 91 4.94 -4.22 -14.11
N VAL F 92 5.41 -2.99 -14.27
CA VAL F 92 4.93 -1.91 -13.39
C VAL F 92 3.48 -1.56 -13.65
N ALA F 93 3.12 -1.46 -14.93
CA ALA F 93 1.71 -1.13 -15.27
C ALA F 93 0.72 -2.23 -14.89
N LYS F 94 1.15 -3.47 -14.80
CA LYS F 94 0.29 -4.57 -14.29
C LYS F 94 0.34 -4.80 -12.78
N GLY F 95 0.95 -3.90 -11.99
CA GLY F 95 0.90 -4.00 -10.53
C GLY F 95 1.69 -5.12 -9.89
N VAL F 96 2.82 -5.43 -10.45
CA VAL F 96 3.66 -6.54 -9.94
C VAL F 96 4.68 -6.06 -8.93
N ILE F 97 5.00 -4.77 -9.01
CA ILE F 97 5.99 -4.23 -8.08
C ILE F 97 5.22 -3.74 -6.87
N GLY F 98 5.42 -4.41 -5.75
CA GLY F 98 4.95 -3.92 -4.43
C GLY F 98 6.05 -3.16 -3.78
N VAL F 99 5.87 -1.88 -3.47
CA VAL F 99 6.97 -1.13 -2.86
C VAL F 99 7.20 -1.54 -1.39
N GLY F 100 6.11 -1.66 -0.64
CA GLY F 100 6.16 -1.92 0.80
C GLY F 100 4.87 -1.60 1.53
N VAL F 101 5.02 -1.26 2.80
CA VAL F 101 3.92 -1.06 3.73
C VAL F 101 4.00 0.33 4.33
N LEU F 102 2.92 1.08 4.22
CA LEU F 102 2.77 2.31 4.94
C LEU F 102 2.00 2.08 6.28
N HIS F 103 2.61 2.45 7.38
CA HIS F 103 1.97 2.32 8.67
C HIS F 103 1.35 3.65 9.07
N VAL F 104 0.05 3.62 9.39
CA VAL F 104 -0.71 4.77 9.87
C VAL F 104 -1.41 4.40 11.18
N ASP F 105 -1.93 5.41 11.86
CA ASP F 105 -2.68 5.19 13.10
C ASP F 105 -4.04 4.54 12.86
N ASP F 106 -4.79 5.01 11.85
CA ASP F 106 -6.11 4.44 11.50
C ASP F 106 -6.26 4.21 9.97
N THR F 107 -6.27 2.94 9.56
CA THR F 107 -6.28 2.54 8.13
C THR F 107 -7.57 3.02 7.46
N ARG F 108 -8.69 2.98 8.18
CA ARG F 108 -9.98 3.35 7.62
C ARG F 108 -10.07 4.83 7.37
N ALA F 109 -9.43 5.61 8.23
CA ALA F 109 -9.42 7.05 8.04
C ALA F 109 -8.53 7.42 6.86
N THR F 110 -7.33 6.85 6.78
CA THR F 110 -6.42 7.18 5.70
C THR F 110 -6.97 6.67 4.35
N TYR F 111 -7.61 5.51 4.39
CA TYR F 111 -8.32 4.95 3.27
C TYR F 111 -9.28 5.94 2.69
N GLU F 112 -10.12 6.50 3.53
CA GLU F 112 -11.17 7.40 3.06
C GLU F 112 -10.57 8.74 2.64
N ARG F 113 -9.52 9.21 3.32
CA ARG F 113 -8.80 10.45 2.91
C ARG F 113 -8.21 10.29 1.51
N TYR F 114 -7.48 9.22 1.32
CA TYR F 114 -6.86 8.95 0.06
C TYR F 114 -7.87 8.71 -1.02
N ARG F 115 -8.93 8.00 -0.71
CA ARG F 115 -9.91 7.69 -1.69
C ARG F 115 -10.67 8.93 -2.11
N ALA F 116 -10.91 9.86 -1.21
CA ALA F 116 -11.54 11.14 -1.56
C ALA F 116 -10.64 12.05 -2.42
N ALA F 117 -9.32 11.97 -2.24
CA ALA F 117 -8.38 12.50 -3.24
C ALA F 117 -8.51 11.41 -4.29
N GLY F 118 -7.74 11.30 -5.31
CA GLY F 118 -8.19 10.24 -6.25
C GLY F 118 -7.52 8.89 -6.24
N VAL F 119 -7.15 8.34 -5.08
CA VAL F 119 -6.33 7.12 -5.06
C VAL F 119 -7.16 5.89 -5.26
N ILE F 120 -6.68 4.97 -6.09
CA ILE F 120 -7.40 3.77 -6.46
C ILE F 120 -6.92 2.70 -5.52
N PHE F 121 -7.88 2.05 -4.86
CA PHE F 121 -7.60 0.96 -3.95
C PHE F 121 -7.92 -0.34 -4.62
N ILE F 122 -6.99 -1.28 -4.59
CA ILE F 122 -7.28 -2.62 -5.05
C ILE F 122 -7.85 -3.52 -3.95
N GLN F 123 -7.69 -3.14 -2.67
CA GLN F 123 -8.33 -3.90 -1.57
C GLN F 123 -8.75 -2.84 -0.56
N GLU F 124 -10.04 -2.80 -0.26
CA GLU F 124 -10.57 -2.02 0.85
C GLU F 124 -10.00 -2.52 2.20
N PRO F 125 -10.17 -1.73 3.28
CA PRO F 125 -9.58 -2.14 4.57
C PRO F 125 -10.21 -3.44 5.06
N VAL F 126 -9.35 -4.41 5.36
CA VAL F 126 -9.67 -5.74 5.82
C VAL F 126 -8.98 -6.01 7.17
N LYS F 127 -9.68 -6.65 8.12
CA LYS F 127 -9.06 -6.96 9.41
C LYS F 127 -8.19 -8.17 9.24
N ARG F 128 -6.98 -8.07 9.75
CA ARG F 128 -5.99 -9.09 9.71
C ARG F 128 -5.49 -9.29 11.14
N PRO F 129 -4.82 -10.41 11.40
CA PRO F 129 -4.41 -10.66 12.77
C PRO F 129 -3.55 -9.59 13.34
N TYR F 130 -2.83 -8.85 12.50
CA TYR F 130 -1.89 -7.76 12.93
C TYR F 130 -2.46 -6.33 12.91
N GLY F 131 -3.70 -6.16 12.46
CA GLY F 131 -4.23 -4.85 12.18
C GLY F 131 -5.20 -4.85 11.00
N THR F 132 -5.60 -3.66 10.62
CA THR F 132 -6.42 -3.44 9.47
C THR F 132 -5.51 -3.05 8.30
N GLU F 133 -5.72 -3.70 7.17
CA GLU F 133 -4.89 -3.56 6.00
C GLU F 133 -5.76 -3.22 4.83
N ALA F 134 -5.33 -2.21 4.07
CA ALA F 134 -5.81 -1.89 2.73
C ALA F 134 -4.66 -1.86 1.70
N VAL F 135 -5.00 -1.86 0.43
CA VAL F 135 -3.98 -1.93 -0.64
C VAL F 135 -4.30 -0.92 -1.70
N PHE F 136 -3.39 -0.02 -1.97
CA PHE F 136 -3.63 0.91 -3.05
C PHE F 136 -2.54 0.83 -4.07
N ARG F 137 -2.75 1.50 -5.17
CA ARG F 137 -1.69 1.61 -6.19
C ARG F 137 -1.35 3.04 -6.50
N ASP F 138 -0.10 3.26 -6.88
CA ASP F 138 0.31 4.64 -7.33
C ASP F 138 -0.16 4.92 -8.80
N ASP F 139 0.28 6.05 -9.34
CA ASP F 139 -0.08 6.48 -10.72
C ASP F 139 0.49 5.52 -11.80
N SER F 140 1.67 4.93 -11.58
CA SER F 140 2.22 3.93 -12.47
C SER F 140 1.57 2.51 -12.40
N GLY F 141 0.99 2.18 -11.26
CA GLY F 141 0.55 0.80 -10.97
C GLY F 141 1.34 0.07 -9.88
N ASN F 142 2.31 0.72 -9.22
CA ASN F 142 3.01 0.03 -8.12
C ASN F 142 2.01 -0.03 -6.98
N TRP F 143 2.05 -1.09 -6.20
CA TRP F 143 1.14 -1.17 -5.05
C TRP F 143 1.79 -0.96 -3.66
N PHE F 144 1.01 -0.40 -2.73
CA PHE F 144 1.42 -0.23 -1.34
C PHE F 144 0.38 -0.88 -0.48
N SER F 145 0.83 -1.59 0.54
CA SER F 145 -0.08 -1.98 1.57
C SER F 145 -0.13 -0.84 2.62
N LEU F 146 -1.33 -0.51 3.10
CA LEU F 146 -1.60 0.51 4.09
C LEU F 146 -2.13 -0.14 5.39
N THR F 147 -1.45 0.08 6.49
CA THR F 147 -1.59 -0.74 7.68
C THR F 147 -1.65 0.06 9.01
N ASP F 148 -2.32 -0.56 9.97
CA ASP F 148 -2.72 -0.15 11.32
C ASP F 148 -2.31 -1.18 12.35
N ALA F 149 -2.22 -0.81 13.64
CA ALA F 149 -2.26 -1.80 14.77
C ALA F 149 -3.67 -1.82 15.35
N ARG F 150 -4.51 -1.12 14.63
CA ARG F 150 -5.87 -1.41 14.42
C ARG F 150 -6.83 -0.29 14.78
N GLY F 151 -6.35 0.92 15.15
CA GLY F 151 -7.15 2.16 15.02
C GLY F 151 -6.56 3.45 15.58
#